data_6UNM
#
_entry.id   6UNM
#
_cell.length_a   149.530
_cell.length_b   97.910
_cell.length_c   92.300
_cell.angle_alpha   90.000
_cell.angle_beta   123.570
_cell.angle_gamma   90.000
#
_symmetry.space_group_name_H-M   'C 1 2 1'
#
loop_
_entity.id
_entity.type
_entity.pdbx_description
1 polymer 'Cytochrome P450 3A4'
2 non-polymer 'PROTOPORPHYRIN IX CONTAINING FE'
3 non-polymer 'tert-butyl [(2S)-1-(naphthalen-1-yl)-3-{[(2S)-3-(naphthalen-1-yl)-1-oxo-1-{(E)-[2-(pyridin-3-yl)ethylidene]amino}propan-2-yl]sulfanyl}propan-2-yl]carbamate'
#
_entity_poly.entity_id   1
_entity_poly.type   'polypeptide(L)'
_entity_poly.pdbx_seq_one_letter_code
;MAYLYGTHSHGLFKKLGIPGPTPLPFLGNILSYHKGFCMFDMECHKKYGKVWGFYDGQQPVLAITDPDMIKTVLVKECYS
VFTNRRPFGPVGFMKSAISIAEDEEWKRLRSLLSPTFTSGKLKEMVPIIAQYGDVLVRNLRREAETGKPVTLKDVFGAYS
MDVITSTSFGVNIDSLNNPQDPFVENTKKLLRFDFLDPFFLSITVFPFLIPILEVLNICVFPREVTNFLRKSVKRMKESR
LEDTQKHRVDFLQLMIDSQNSKETESHKALSDLELVAQSIIFIFAGYETTSSVLSFIMYELATHPDVQQKLQEEIDAVLP
NKAPPTYDTVLQMEYLDMVVNETLRLFPIAMRLERVCKKDVEINGMFIPKGVVVMIPSYALHRDPKYWTEPEKFLPERFS
KKNKDNIDPYIYTPFGSGPRNCIGMRFALMNMKLALIRVLQNFSFKPCKETQIPLKLSLGGLLQPEKPVVLKVESRDGTV
SGAHHHH
;
_entity_poly.pdbx_strand_id   A,B
#
loop_
_chem_comp.id
_chem_comp.type
_chem_comp.name
_chem_comp.formula
HEM non-polymer 'PROTOPORPHYRIN IX CONTAINING FE' 'C34 H32 Fe N4 O4'
QDP non-polymer 'tert-butyl [(2S)-1-(naphthalen-1-yl)-3-{[(2S)-3-(naphthalen-1-yl)-1-oxo-1-{(E)-[2-(pyridin-3-yl)ethylidene]amino}propan-2-yl]sulfanyl}propan-2-yl]carbamate' 'C38 H39 N3 O3 S'
#
# COMPACT_ATOMS: atom_id res chain seq x y z
N HIS A 8 -3.39 -46.61 -2.88
CA HIS A 8 -2.96 -45.27 -3.25
C HIS A 8 -2.48 -45.34 -4.73
N SER A 9 -1.91 -44.32 -5.41
CA SER A 9 -1.66 -42.89 -5.09
C SER A 9 -0.41 -42.59 -4.25
N HIS A 10 0.35 -43.64 -3.89
CA HIS A 10 1.49 -43.50 -2.99
C HIS A 10 2.82 -43.64 -3.72
N GLY A 11 2.79 -43.75 -5.04
CA GLY A 11 4.02 -43.86 -5.79
C GLY A 11 4.18 -42.68 -6.73
N LEU A 12 3.80 -41.50 -6.26
CA LEU A 12 4.02 -40.32 -7.09
C LEU A 12 5.47 -39.86 -7.01
N PHE A 13 5.98 -39.68 -5.79
CA PHE A 13 7.35 -39.22 -5.65
C PHE A 13 8.37 -40.28 -6.01
N LYS A 14 7.97 -41.56 -6.00
CA LYS A 14 8.83 -42.58 -6.60
C LYS A 14 8.84 -42.43 -8.13
N LYS A 15 7.68 -42.12 -8.71
CA LYS A 15 7.56 -41.93 -10.16
C LYS A 15 8.26 -40.66 -10.64
N LEU A 16 8.36 -39.63 -9.79
CA LEU A 16 9.00 -38.37 -10.17
C LEU A 16 10.47 -38.28 -9.75
N GLY A 17 11.03 -39.34 -9.16
CA GLY A 17 12.41 -39.33 -8.73
C GLY A 17 12.70 -38.52 -7.49
N ILE A 18 11.68 -38.10 -6.76
CA ILE A 18 11.83 -37.21 -5.62
C ILE A 18 11.89 -38.07 -4.36
N PRO A 19 12.95 -37.95 -3.54
CA PRO A 19 13.06 -38.79 -2.34
C PRO A 19 12.00 -38.49 -1.29
N GLY A 20 12.17 -39.05 -0.08
CA GLY A 20 11.21 -38.90 0.98
C GLY A 20 10.91 -40.24 1.60
N PRO A 21 10.57 -40.26 2.88
CA PRO A 21 10.47 -41.53 3.60
C PRO A 21 9.35 -42.40 3.05
N THR A 22 9.55 -43.71 3.13
CA THR A 22 8.54 -44.64 2.65
C THR A 22 7.25 -44.45 3.44
N PRO A 23 6.10 -44.49 2.77
CA PRO A 23 4.83 -44.25 3.46
C PRO A 23 3.98 -45.50 3.67
N LEU A 24 3.30 -45.56 4.82
CA LEU A 24 2.44 -46.69 5.12
C LEU A 24 1.07 -46.50 4.47
N PRO A 25 0.34 -47.58 4.20
CA PRO A 25 -1.00 -47.44 3.62
C PRO A 25 -2.01 -46.75 4.52
N PHE A 26 -2.82 -45.88 3.91
CA PHE A 26 -3.84 -45.12 4.61
C PHE A 26 -3.17 -44.00 5.43
N LEU A 27 -2.23 -44.35 6.29
CA LEU A 27 -1.58 -43.33 7.10
C LEU A 27 -0.67 -42.41 6.31
N GLY A 28 -0.13 -42.85 5.19
CA GLY A 28 0.92 -42.05 4.59
C GLY A 28 2.09 -41.99 5.55
N ASN A 29 2.60 -40.78 5.80
CA ASN A 29 3.75 -40.62 6.67
C ASN A 29 3.42 -39.99 8.00
N ILE A 30 2.13 -39.83 8.31
CA ILE A 30 1.76 -38.99 9.45
C ILE A 30 2.27 -39.56 10.76
N LEU A 31 2.74 -40.80 10.76
CA LEU A 31 3.36 -41.34 11.97
C LEU A 31 4.63 -40.57 12.33
N SER A 32 5.39 -40.15 11.32
CA SER A 32 6.64 -39.45 11.61
C SER A 32 6.39 -38.15 12.37
N TYR A 33 5.16 -37.66 12.39
CA TYR A 33 4.78 -36.44 13.10
C TYR A 33 4.84 -36.57 14.62
N HIS A 34 5.24 -37.74 15.15
CA HIS A 34 5.21 -37.97 16.59
C HIS A 34 6.13 -37.02 17.36
N LYS A 35 7.16 -36.47 16.72
CA LYS A 35 7.98 -35.44 17.33
C LYS A 35 7.60 -34.03 16.90
N GLY A 36 6.68 -33.89 15.94
CA GLY A 36 6.27 -32.58 15.47
C GLY A 36 6.58 -32.28 14.03
N PHE A 37 5.74 -31.45 13.40
CA PHE A 37 5.99 -30.98 12.04
C PHE A 37 7.43 -30.49 11.89
N CYS A 38 7.94 -29.81 12.91
CA CYS A 38 9.21 -29.10 12.76
C CYS A 38 10.38 -30.08 12.71
N MET A 39 10.39 -31.07 13.62
CA MET A 39 11.51 -32.01 13.64
C MET A 39 11.49 -32.92 12.42
N PHE A 40 10.31 -33.38 12.01
CA PHE A 40 10.13 -34.09 10.73
C PHE A 40 10.70 -33.30 9.57
N ASP A 41 10.32 -32.02 9.47
CA ASP A 41 10.82 -31.16 8.39
C ASP A 41 12.34 -31.06 8.44
N MET A 42 12.90 -30.70 9.60
CA MET A 42 14.34 -30.63 9.77
C MET A 42 15.03 -31.92 9.35
N GLU A 43 14.50 -33.07 9.81
CA GLU A 43 15.11 -34.35 9.48
C GLU A 43 15.12 -34.58 7.98
N CYS A 44 13.94 -34.63 7.34
CA CYS A 44 13.85 -34.83 5.91
C CYS A 44 14.74 -33.85 5.14
N HIS A 45 14.81 -32.60 5.62
CA HIS A 45 15.66 -31.61 4.97
C HIS A 45 17.12 -32.07 4.98
N LYS A 46 17.53 -32.79 6.04
CA LYS A 46 18.86 -33.35 6.11
C LYS A 46 18.95 -34.65 5.31
N LYS A 47 18.02 -35.57 5.56
CA LYS A 47 18.03 -36.88 4.90
C LYS A 47 18.03 -36.76 3.39
N TYR A 48 17.28 -35.79 2.84
CA TYR A 48 17.01 -35.78 1.40
C TYR A 48 17.39 -34.48 0.71
N GLY A 49 18.03 -33.54 1.41
CA GLY A 49 18.52 -32.35 0.74
C GLY A 49 17.40 -31.39 0.35
N LYS A 50 17.46 -30.93 -0.91
CA LYS A 50 16.77 -29.70 -1.30
C LYS A 50 15.27 -29.91 -1.52
N VAL A 51 14.86 -31.07 -2.02
CA VAL A 51 13.46 -31.31 -2.39
C VAL A 51 13.10 -32.73 -1.98
N TRP A 52 11.92 -32.89 -1.37
CA TRP A 52 11.47 -34.21 -0.93
C TRP A 52 9.94 -34.25 -0.86
N GLY A 53 9.39 -35.42 -1.11
CA GLY A 53 7.95 -35.63 -1.08
C GLY A 53 7.55 -36.53 0.08
N PHE A 54 6.36 -36.29 0.61
CA PHE A 54 5.81 -37.15 1.64
C PHE A 54 4.29 -37.03 1.58
N TYR A 55 3.62 -37.67 2.51
CA TYR A 55 2.17 -37.87 2.40
C TYR A 55 1.48 -37.51 3.71
N ASP A 56 0.41 -36.72 3.61
CA ASP A 56 -0.47 -36.44 4.74
C ASP A 56 -1.75 -37.24 4.46
N GLY A 57 -1.72 -38.52 4.81
CA GLY A 57 -2.76 -39.44 4.40
C GLY A 57 -2.51 -39.89 2.98
N GLN A 58 -3.50 -39.72 2.10
CA GLN A 58 -3.32 -39.98 0.68
C GLN A 58 -2.89 -38.72 -0.07
N GLN A 59 -2.52 -37.66 0.65
CA GLN A 59 -2.21 -36.35 0.07
C GLN A 59 -0.72 -36.23 -0.19
N PRO A 60 -0.27 -36.20 -1.44
CA PRO A 60 1.15 -35.94 -1.70
C PRO A 60 1.46 -34.48 -1.35
N VAL A 61 2.67 -34.27 -0.82
CA VAL A 61 3.09 -32.96 -0.38
C VAL A 61 4.54 -32.78 -0.78
N LEU A 62 4.81 -31.82 -1.64
CA LEU A 62 6.17 -31.54 -2.11
C LEU A 62 6.78 -30.46 -1.24
N ALA A 63 8.01 -30.71 -0.82
CA ALA A 63 8.73 -29.82 0.07
C ALA A 63 9.86 -29.22 -0.74
N ILE A 64 9.90 -27.88 -0.82
CA ILE A 64 10.90 -27.17 -1.60
C ILE A 64 11.70 -26.26 -0.67
N THR A 65 13.01 -26.24 -0.86
CA THR A 65 13.89 -25.38 -0.10
C THR A 65 14.72 -24.44 -0.96
N ASP A 66 14.61 -24.52 -2.29
CA ASP A 66 15.37 -23.62 -3.18
C ASP A 66 14.68 -22.25 -3.23
N PRO A 67 15.43 -21.16 -3.08
CA PRO A 67 14.77 -19.83 -3.04
C PRO A 67 14.17 -19.39 -4.37
N ASP A 68 14.79 -19.73 -5.51
CA ASP A 68 14.15 -19.49 -6.81
C ASP A 68 12.77 -20.14 -6.84
N MET A 69 12.73 -21.46 -6.62
CA MET A 69 11.47 -22.19 -6.62
C MET A 69 10.49 -21.61 -5.61
N ILE A 70 10.98 -21.17 -4.44
CA ILE A 70 10.10 -20.61 -3.43
C ILE A 70 9.47 -19.31 -3.92
N LYS A 71 10.27 -18.48 -4.60
CA LYS A 71 9.79 -17.20 -5.12
C LYS A 71 8.77 -17.39 -6.23
N THR A 72 9.02 -18.37 -7.11
CA THR A 72 8.06 -18.71 -8.17
C THR A 72 6.69 -19.11 -7.62
N VAL A 73 6.65 -19.94 -6.57
CA VAL A 73 5.40 -20.43 -6.05
C VAL A 73 4.67 -19.34 -5.26
N LEU A 74 5.40 -18.63 -4.39
CA LEU A 74 4.74 -17.67 -3.53
C LEU A 74 4.40 -16.37 -4.25
N VAL A 75 5.17 -16.02 -5.31
CA VAL A 75 5.11 -14.69 -5.89
C VAL A 75 4.82 -14.74 -7.39
N LYS A 76 5.75 -15.27 -8.18
CA LYS A 76 5.61 -15.22 -9.63
C LYS A 76 4.37 -15.96 -10.10
N GLU A 77 4.19 -17.21 -9.64
CA GLU A 77 3.11 -18.06 -10.10
C GLU A 77 1.94 -18.14 -9.12
N CYS A 78 1.88 -17.21 -8.16
CA CYS A 78 0.74 -17.16 -7.24
C CYS A 78 -0.57 -17.01 -7.99
N TYR A 79 -0.57 -16.31 -9.11
CA TYR A 79 -1.85 -16.00 -9.71
C TYR A 79 -2.31 -17.09 -10.65
N SER A 80 -1.39 -17.72 -11.38
CA SER A 80 -1.81 -18.81 -12.25
C SER A 80 -2.07 -20.10 -11.49
N VAL A 81 -1.16 -20.51 -10.59
CA VAL A 81 -1.11 -21.89 -10.12
C VAL A 81 -1.20 -22.00 -8.60
N PHE A 82 -0.46 -21.16 -7.88
CA PHE A 82 -0.29 -21.36 -6.44
C PHE A 82 -1.05 -20.31 -5.64
N THR A 83 -2.39 -20.34 -5.74
CA THR A 83 -3.28 -19.29 -5.25
C THR A 83 -3.87 -19.58 -3.88
N ASN A 84 -4.20 -20.84 -3.62
CA ASN A 84 -4.91 -21.22 -2.41
C ASN A 84 -4.05 -22.11 -1.52
N ARG A 85 -4.44 -22.15 -0.25
CA ARG A 85 -3.78 -23.01 0.72
C ARG A 85 -4.49 -24.36 0.81
N ARG A 86 -3.82 -25.31 1.43
CA ARG A 86 -4.39 -26.64 1.53
C ARG A 86 -5.75 -26.57 2.21
N PRO A 87 -6.79 -27.17 1.63
CA PRO A 87 -8.15 -26.96 2.13
C PRO A 87 -8.32 -27.42 3.58
N PHE A 88 -9.35 -26.86 4.19
CA PHE A 88 -9.46 -26.80 5.64
C PHE A 88 -10.94 -26.93 5.98
N GLY A 89 -11.32 -28.07 6.56
CA GLY A 89 -12.71 -28.30 6.88
C GLY A 89 -12.87 -29.23 8.05
N PRO A 90 -14.10 -29.30 8.61
CA PRO A 90 -15.23 -28.48 8.18
C PRO A 90 -15.17 -27.08 8.77
N VAL A 91 -15.73 -26.08 8.08
CA VAL A 91 -15.59 -24.68 8.50
C VAL A 91 -16.96 -24.01 8.61
N GLY A 92 -17.91 -24.47 7.80
CA GLY A 92 -19.25 -23.93 7.88
C GLY A 92 -19.37 -22.60 7.19
N PHE A 93 -19.80 -21.58 7.93
CA PHE A 93 -19.91 -20.25 7.32
C PHE A 93 -18.54 -19.60 7.13
N MET A 94 -17.54 -20.06 7.88
CA MET A 94 -16.19 -19.51 7.84
C MET A 94 -15.51 -19.86 6.54
N LYS A 95 -16.25 -20.37 5.55
CA LYS A 95 -15.66 -20.59 4.23
C LYS A 95 -15.30 -19.25 3.59
N SER A 96 -15.98 -18.19 3.99
CA SER A 96 -15.80 -16.87 3.41
C SER A 96 -14.67 -16.07 4.04
N ALA A 97 -14.10 -16.54 5.14
CA ALA A 97 -12.97 -15.84 5.75
C ALA A 97 -11.78 -15.81 4.78
N ILE A 98 -10.96 -14.79 4.91
CA ILE A 98 -10.00 -14.51 3.83
C ILE A 98 -8.92 -15.58 3.76
N SER A 99 -8.34 -15.94 4.90
CA SER A 99 -7.20 -16.88 4.89
C SER A 99 -7.60 -18.29 4.48
N ILE A 100 -8.90 -18.60 4.51
CA ILE A 100 -9.44 -19.83 3.96
C ILE A 100 -9.90 -19.64 2.51
N ALA A 101 -10.52 -18.50 2.21
CA ALA A 101 -11.21 -18.32 0.93
C ALA A 101 -10.26 -18.62 -0.22
N GLU A 102 -10.84 -19.08 -1.34
CA GLU A 102 -10.06 -19.47 -2.49
C GLU A 102 -10.40 -18.61 -3.70
N ASP A 103 -9.44 -18.55 -4.62
CA ASP A 103 -9.64 -18.14 -6.01
C ASP A 103 -10.28 -16.77 -6.04
N GLU A 104 -11.41 -16.59 -6.72
CA GLU A 104 -11.98 -15.27 -6.90
C GLU A 104 -12.54 -14.71 -5.59
N GLU A 105 -13.11 -15.58 -4.74
CA GLU A 105 -13.66 -15.07 -3.48
C GLU A 105 -12.55 -14.53 -2.59
N TRP A 106 -11.33 -15.03 -2.73
CA TRP A 106 -10.20 -14.49 -1.96
C TRP A 106 -9.76 -13.13 -2.48
N LYS A 107 -9.56 -13.03 -3.80
CA LYS A 107 -9.10 -11.78 -4.41
C LYS A 107 -10.03 -10.62 -4.08
N ARG A 108 -11.34 -10.82 -4.28
CA ARG A 108 -12.31 -9.81 -3.90
C ARG A 108 -12.11 -9.35 -2.46
N LEU A 109 -11.85 -10.28 -1.54
CA LEU A 109 -11.72 -9.93 -0.14
C LEU A 109 -10.35 -9.35 0.19
N ARG A 110 -9.30 -9.82 -0.48
CA ARG A 110 -7.98 -9.24 -0.24
C ARG A 110 -7.99 -7.76 -0.60
N SER A 111 -8.51 -7.43 -1.79
CA SER A 111 -8.66 -6.04 -2.19
C SER A 111 -9.45 -5.26 -1.16
N LEU A 112 -10.64 -5.78 -0.82
CA LEU A 112 -11.53 -5.09 0.10
C LEU A 112 -10.84 -4.76 1.42
N LEU A 113 -9.80 -5.52 1.78
CA LEU A 113 -9.22 -5.46 3.12
C LEU A 113 -7.81 -4.92 3.15
N SER A 114 -7.07 -5.02 2.04
CA SER A 114 -5.75 -4.40 1.95
C SER A 114 -5.68 -2.99 2.52
N PRO A 115 -6.64 -2.08 2.27
CA PRO A 115 -6.48 -0.70 2.75
C PRO A 115 -6.56 -0.54 4.26
N THR A 116 -6.81 -1.61 5.02
CA THR A 116 -6.88 -1.49 6.47
C THR A 116 -5.51 -1.39 7.13
N PHE A 117 -4.44 -1.80 6.44
CA PHE A 117 -3.11 -1.85 7.05
C PHE A 117 -2.11 -1.03 6.23
N THR A 118 -2.44 0.23 6.02
CA THR A 118 -1.57 1.13 5.28
C THR A 118 -0.85 2.05 6.26
N SER A 119 0.33 2.53 5.84
CA SER A 119 1.10 3.45 6.67
C SER A 119 0.24 4.60 7.20
N GLY A 120 -0.88 4.89 6.54
CA GLY A 120 -1.80 5.88 7.06
C GLY A 120 -2.72 5.32 8.13
N LYS A 121 -3.33 4.17 7.85
CA LYS A 121 -4.26 3.58 8.82
C LYS A 121 -3.55 3.08 10.06
N LEU A 122 -2.26 2.77 9.96
CA LEU A 122 -1.46 2.34 11.11
C LEU A 122 -1.10 3.53 11.99
N LYS A 123 -0.59 4.60 11.37
CA LYS A 123 -0.26 5.81 12.11
C LYS A 123 -1.48 6.30 12.91
N GLU A 124 -2.67 6.22 12.31
CA GLU A 124 -3.90 6.56 13.03
C GLU A 124 -4.11 5.68 14.27
N MET A 125 -3.39 4.56 14.38
CA MET A 125 -3.62 3.58 15.44
C MET A 125 -2.62 3.66 16.59
N VAL A 126 -1.48 4.35 16.40
CA VAL A 126 -0.53 4.53 17.49
C VAL A 126 -1.17 5.24 18.68
N PRO A 127 -1.90 6.35 18.52
CA PRO A 127 -2.53 6.96 19.70
C PRO A 127 -3.52 6.06 20.41
N ILE A 128 -4.11 5.10 19.70
CA ILE A 128 -5.06 4.19 20.33
C ILE A 128 -4.33 3.08 21.07
N ILE A 129 -3.35 2.47 20.41
CA ILE A 129 -2.57 1.42 21.06
C ILE A 129 -1.81 1.98 22.25
N ALA A 130 -1.42 3.27 22.19
CA ALA A 130 -0.71 3.90 23.29
C ALA A 130 -1.48 3.82 24.60
N GLN A 131 -2.81 3.81 24.53
CA GLN A 131 -3.63 3.74 25.74
C GLN A 131 -3.38 2.44 26.49
N TYR A 132 -3.67 1.30 25.86
CA TYR A 132 -3.59 0.01 26.53
C TYR A 132 -2.17 -0.40 26.85
N GLY A 133 -1.17 0.27 26.28
CA GLY A 133 0.21 0.02 26.70
C GLY A 133 0.43 0.34 28.15
N ASP A 134 -0.22 1.40 28.65
CA ASP A 134 -0.08 1.78 30.05
C ASP A 134 -0.83 0.83 30.96
N VAL A 135 -2.01 0.36 30.55
CA VAL A 135 -2.76 -0.61 31.35
C VAL A 135 -1.93 -1.88 31.54
N LEU A 136 -1.17 -2.26 30.52
CA LEU A 136 -0.26 -3.39 30.64
C LEU A 136 0.77 -3.15 31.73
N VAL A 137 1.26 -1.91 31.83
CA VAL A 137 2.22 -1.57 32.88
C VAL A 137 1.57 -1.72 34.25
N ARG A 138 0.48 -1.00 34.49
CA ARG A 138 -0.18 -1.04 35.79
C ARG A 138 -0.61 -2.44 36.15
N ASN A 139 -1.15 -3.19 35.18
CA ASN A 139 -1.45 -4.60 35.44
C ASN A 139 -0.19 -5.41 35.68
N LEU A 140 0.97 -4.93 35.21
CA LEU A 140 2.24 -5.58 35.50
C LEU A 140 2.87 -5.09 36.79
N ARG A 141 2.85 -3.77 37.02
CA ARG A 141 3.37 -3.20 38.26
C ARG A 141 2.71 -3.80 39.50
N ARG A 142 1.51 -4.40 39.35
CA ARG A 142 0.87 -5.07 40.47
C ARG A 142 1.58 -6.36 40.82
N GLU A 143 1.61 -7.32 39.89
CA GLU A 143 2.33 -8.57 40.11
C GLU A 143 3.85 -8.37 40.14
N ALA A 144 4.32 -7.14 39.97
CA ALA A 144 5.73 -6.81 40.10
C ALA A 144 6.08 -6.35 41.51
N GLU A 145 5.25 -5.46 42.07
CA GLU A 145 5.47 -4.95 43.41
C GLU A 145 5.33 -6.06 44.46
N THR A 146 4.97 -7.26 44.00
CA THR A 146 4.80 -8.40 44.89
C THR A 146 5.70 -9.48 44.32
N GLY A 147 6.49 -10.11 45.19
CA GLY A 147 7.40 -11.16 44.77
C GLY A 147 6.57 -12.33 44.28
N LYS A 148 6.33 -12.37 42.97
CA LYS A 148 5.54 -13.43 42.37
C LYS A 148 5.99 -13.51 40.90
N PRO A 149 6.14 -14.73 40.40
CA PRO A 149 6.52 -14.92 39.00
C PRO A 149 5.32 -14.59 38.13
N VAL A 150 5.55 -14.13 36.90
CA VAL A 150 4.44 -13.76 36.02
C VAL A 150 4.37 -14.74 34.87
N THR A 151 3.04 -15.21 34.70
CA THR A 151 2.70 -15.94 33.49
C THR A 151 2.44 -14.92 32.39
N LEU A 152 3.29 -14.93 31.36
CA LEU A 152 3.30 -13.83 30.42
C LEU A 152 2.08 -13.84 29.51
N LYS A 153 1.65 -15.02 29.09
CA LYS A 153 0.63 -15.08 28.06
C LYS A 153 -0.74 -14.66 28.56
N ASP A 154 -0.96 -14.66 29.88
CA ASP A 154 -2.15 -14.02 30.41
C ASP A 154 -2.11 -12.51 30.16
N VAL A 155 -1.06 -11.84 30.66
CA VAL A 155 -1.01 -10.39 30.60
C VAL A 155 -0.79 -9.91 29.17
N PHE A 156 0.00 -10.67 28.38
CA PHE A 156 0.17 -10.35 26.97
C PHE A 156 -1.10 -10.67 26.19
N GLY A 157 -1.68 -11.85 26.43
CA GLY A 157 -2.97 -12.17 25.85
C GLY A 157 -4.01 -11.12 26.16
N ALA A 158 -4.14 -10.77 27.44
CA ALA A 158 -5.03 -9.68 27.82
C ALA A 158 -4.69 -8.40 27.07
N TYR A 159 -3.39 -8.13 26.89
CA TYR A 159 -2.98 -6.92 26.19
C TYR A 159 -3.42 -6.95 24.73
N SER A 160 -2.98 -7.97 23.99
CA SER A 160 -3.30 -8.06 22.57
C SER A 160 -4.80 -8.20 22.33
N MET A 161 -5.50 -8.85 23.27
CA MET A 161 -6.96 -8.90 23.23
C MET A 161 -7.55 -7.49 23.17
N ASP A 162 -7.21 -6.67 24.16
CA ASP A 162 -7.69 -5.29 24.19
C ASP A 162 -7.34 -4.56 22.89
N VAL A 163 -6.16 -4.83 22.34
CA VAL A 163 -5.65 -4.01 21.23
C VAL A 163 -6.34 -4.36 19.92
N ILE A 164 -6.57 -5.64 19.66
CA ILE A 164 -7.19 -6.00 18.38
C ILE A 164 -8.62 -5.49 18.32
N THR A 165 -9.32 -5.47 19.45
CA THR A 165 -10.73 -5.11 19.45
C THR A 165 -10.93 -3.62 19.18
N SER A 166 -10.06 -2.77 19.73
CA SER A 166 -10.24 -1.33 19.57
C SER A 166 -9.76 -0.84 18.20
N THR A 167 -8.67 -1.42 17.68
CA THR A 167 -8.13 -0.97 16.41
C THR A 167 -9.09 -1.23 15.26
N SER A 168 -9.79 -2.35 15.32
CA SER A 168 -10.74 -2.72 14.29
C SER A 168 -12.19 -2.75 14.76
N PHE A 169 -12.41 -2.35 16.01
CA PHE A 169 -13.75 -2.33 16.59
C PHE A 169 -14.02 -1.13 17.49
N GLY A 170 -13.14 -0.89 18.44
CA GLY A 170 -13.29 0.22 19.36
C GLY A 170 -13.58 -0.23 20.78
N VAL A 171 -14.05 -1.48 20.91
CA VAL A 171 -14.37 -2.03 22.22
C VAL A 171 -13.23 -1.81 23.21
N ASN A 172 -13.58 -1.63 24.48
CA ASN A 172 -12.59 -1.42 25.52
C ASN A 172 -12.93 -2.18 26.81
N ILE A 173 -12.13 -3.18 27.13
CA ILE A 173 -12.35 -3.98 28.33
C ILE A 173 -11.01 -4.24 29.03
N ASP A 174 -10.90 -3.81 30.29
CA ASP A 174 -9.72 -4.14 31.09
C ASP A 174 -9.72 -5.64 31.35
N SER A 175 -8.95 -6.38 30.55
CA SER A 175 -9.13 -7.83 30.44
C SER A 175 -8.71 -8.69 31.63
N LEU A 176 -8.57 -8.09 32.80
CA LEU A 176 -8.60 -8.87 34.03
C LEU A 176 -9.99 -9.23 34.52
N ASN A 177 -11.03 -8.58 33.97
CA ASN A 177 -12.38 -9.10 34.13
C ASN A 177 -12.54 -10.46 33.48
N ASN A 178 -11.60 -10.85 32.61
CA ASN A 178 -11.64 -12.07 31.80
C ASN A 178 -12.78 -12.12 30.79
N PRO A 179 -12.78 -11.21 29.80
CA PRO A 179 -14.01 -10.94 29.02
C PRO A 179 -14.76 -12.04 28.28
N GLN A 180 -14.06 -12.69 27.35
CA GLN A 180 -14.65 -13.77 26.56
C GLN A 180 -13.56 -14.84 26.52
N ASP A 181 -13.65 -15.75 25.56
CA ASP A 181 -12.85 -16.97 25.52
C ASP A 181 -13.03 -17.65 24.17
N PRO A 182 -12.17 -17.29 23.22
CA PRO A 182 -12.24 -17.87 21.88
C PRO A 182 -11.33 -19.09 21.74
N PHE A 183 -11.07 -19.76 22.85
CA PHE A 183 -10.21 -20.95 22.85
C PHE A 183 -8.94 -20.70 22.05
N PRO A 198 -7.03 -33.15 18.89
CA PRO A 198 -7.61 -34.42 19.34
C PRO A 198 -8.14 -35.24 18.18
N PHE A 199 -9.17 -34.73 17.50
CA PHE A 199 -9.76 -35.43 16.37
C PHE A 199 -9.05 -35.06 15.07
N PHE A 200 -8.40 -33.91 15.06
CA PHE A 200 -7.69 -33.44 13.87
C PHE A 200 -6.87 -34.56 13.25
N LEU A 201 -6.22 -35.36 14.09
CA LEU A 201 -5.40 -36.48 13.62
C LEU A 201 -6.18 -37.37 12.67
N SER A 202 -7.51 -37.27 12.72
CA SER A 202 -8.37 -38.08 11.86
C SER A 202 -8.68 -37.35 10.56
N ILE A 203 -8.79 -36.03 10.63
CA ILE A 203 -9.08 -35.21 9.45
C ILE A 203 -8.17 -35.59 8.30
N THR A 204 -6.92 -35.89 8.60
CA THR A 204 -5.92 -36.07 7.54
C THR A 204 -5.99 -37.46 6.92
N VAL A 205 -6.23 -38.49 7.73
CA VAL A 205 -6.47 -39.82 7.17
C VAL A 205 -7.86 -39.90 6.56
N PHE A 206 -8.79 -39.06 7.01
CA PHE A 206 -10.15 -39.02 6.47
C PHE A 206 -10.49 -37.62 5.97
N PRO A 207 -9.76 -37.11 4.99
CA PRO A 207 -10.18 -35.83 4.39
C PRO A 207 -11.44 -35.98 3.56
N PHE A 208 -11.75 -37.20 3.13
CA PHE A 208 -13.00 -37.51 2.44
C PHE A 208 -14.16 -37.45 3.41
N LEU A 209 -13.88 -37.08 4.66
CA LEU A 209 -14.88 -36.98 5.71
C LEU A 209 -15.25 -35.55 6.08
N ILE A 210 -14.52 -34.55 5.59
CA ILE A 210 -14.96 -33.16 5.74
C ILE A 210 -16.37 -32.96 5.18
N PRO A 211 -16.70 -33.38 3.95
CA PRO A 211 -18.05 -33.12 3.42
C PRO A 211 -19.16 -33.66 4.31
N ILE A 212 -18.91 -34.81 4.94
CA ILE A 212 -19.88 -35.38 5.86
C ILE A 212 -20.13 -34.43 7.02
N LEU A 213 -19.05 -33.97 7.66
CA LEU A 213 -19.17 -33.04 8.77
C LEU A 213 -19.80 -31.71 8.35
N GLU A 214 -19.59 -31.29 7.10
CA GLU A 214 -20.13 -30.01 6.67
C GLU A 214 -21.65 -29.98 6.77
N VAL A 215 -22.30 -31.04 6.30
CA VAL A 215 -23.75 -31.03 6.15
C VAL A 215 -24.44 -31.19 7.50
N LEU A 216 -23.66 -31.41 8.58
CA LEU A 216 -24.18 -31.55 9.92
C LEU A 216 -23.97 -30.31 10.79
N ASN A 217 -23.67 -29.16 10.19
CA ASN A 217 -23.25 -27.96 10.93
C ASN A 217 -22.14 -28.30 11.93
N ILE A 218 -21.44 -29.41 11.72
CA ILE A 218 -20.30 -29.77 12.54
C ILE A 218 -19.14 -28.85 12.19
N CYS A 219 -18.61 -28.16 13.20
CA CYS A 219 -17.58 -27.15 12.96
C CYS A 219 -16.37 -27.43 13.84
N VAL A 220 -15.18 -27.25 13.25
CA VAL A 220 -13.95 -27.31 14.03
C VAL A 220 -13.83 -26.11 14.95
N PHE A 221 -14.56 -25.03 14.66
CA PHE A 221 -14.70 -23.90 15.55
C PHE A 221 -16.01 -24.11 16.31
N PRO A 222 -15.97 -24.55 17.58
CA PRO A 222 -17.20 -24.99 18.27
C PRO A 222 -18.39 -24.06 18.05
N ARG A 223 -19.54 -24.64 17.67
CA ARG A 223 -20.69 -23.86 17.23
C ARG A 223 -21.19 -22.88 18.29
N GLU A 224 -20.78 -23.05 19.55
CA GLU A 224 -21.15 -22.09 20.58
C GLU A 224 -20.28 -20.84 20.52
N VAL A 225 -18.97 -21.01 20.33
CA VAL A 225 -18.08 -19.86 20.22
C VAL A 225 -18.47 -19.00 19.01
N THR A 226 -18.89 -19.65 17.92
CA THR A 226 -19.38 -18.89 16.77
C THR A 226 -20.76 -18.31 17.03
N ASN A 227 -21.62 -19.05 17.76
CA ASN A 227 -22.93 -18.52 18.10
C ASN A 227 -22.83 -17.34 19.06
N PHE A 228 -21.78 -17.31 19.89
CA PHE A 228 -21.45 -16.11 20.64
C PHE A 228 -21.46 -14.89 19.72
N LEU A 229 -20.79 -15.00 18.57
CA LEU A 229 -20.52 -13.87 17.71
C LEU A 229 -21.37 -13.83 16.44
N ARG A 230 -22.07 -14.93 16.09
CA ARG A 230 -23.03 -14.92 15.00
C ARG A 230 -24.13 -13.92 15.33
N LYS A 231 -24.16 -13.50 16.59
CA LYS A 231 -24.95 -12.36 17.04
C LYS A 231 -24.11 -11.19 17.55
N SER A 232 -22.89 -11.45 18.06
CA SER A 232 -22.14 -10.41 18.78
C SER A 232 -21.33 -9.49 17.87
N VAL A 233 -21.27 -9.75 16.57
CA VAL A 233 -20.73 -8.78 15.62
C VAL A 233 -21.84 -7.97 14.96
N LYS A 234 -22.95 -8.64 14.63
CA LYS A 234 -24.18 -7.91 14.35
C LYS A 234 -24.58 -7.05 15.55
N ARG A 235 -24.11 -7.40 16.75
CA ARG A 235 -24.34 -6.67 17.98
C ARG A 235 -23.39 -5.48 18.07
N MET A 236 -22.79 -5.11 16.95
CA MET A 236 -21.87 -3.98 16.91
C MET A 236 -21.75 -3.40 15.50
N LYS A 237 -22.82 -2.79 14.99
CA LYS A 237 -24.08 -2.65 15.71
C LYS A 237 -25.24 -2.37 14.76
N GLU A 238 -25.21 -1.25 14.11
CA GLU A 238 -24.16 -0.26 14.25
C GLU A 238 -24.77 1.10 13.95
N SER A 239 -24.50 2.11 14.79
CA SER A 239 -24.92 3.49 14.57
C SER A 239 -24.89 4.30 15.86
N VAL A 249 -10.55 5.56 10.05
CA VAL A 249 -11.45 4.51 9.57
C VAL A 249 -11.10 3.18 10.22
N ASP A 250 -12.10 2.55 10.84
CA ASP A 250 -11.89 1.25 11.48
C ASP A 250 -12.15 0.13 10.49
N PHE A 251 -11.54 -1.03 10.78
CA PHE A 251 -11.74 -2.22 9.95
C PHE A 251 -13.22 -2.57 9.82
N LEU A 252 -13.95 -2.50 10.93
CA LEU A 252 -15.41 -2.66 10.85
C LEU A 252 -16.04 -1.50 10.12
N GLN A 253 -15.60 -0.27 10.39
CA GLN A 253 -16.05 0.88 9.61
C GLN A 253 -15.82 0.64 8.12
N LEU A 254 -14.61 0.23 7.76
CA LEU A 254 -14.21 0.08 6.36
C LEU A 254 -14.95 -1.04 5.63
N MET A 255 -15.74 -1.87 6.32
CA MET A 255 -16.37 -3.00 5.66
C MET A 255 -17.78 -2.69 5.16
N ILE A 256 -18.60 -1.99 5.96
CA ILE A 256 -19.90 -1.56 5.44
C ILE A 256 -19.73 -0.34 4.54
N ASP A 257 -18.71 0.48 4.78
CA ASP A 257 -18.38 1.56 3.86
C ASP A 257 -17.95 1.03 2.50
N SER A 258 -17.53 -0.23 2.42
CA SER A 258 -17.23 -0.90 1.16
C SER A 258 -18.22 -2.02 0.87
N GLN A 259 -19.31 -2.13 1.63
CA GLN A 259 -20.47 -2.93 1.25
C GLN A 259 -21.50 -2.06 0.54
N ASN A 260 -21.96 -1.01 1.20
CA ASN A 260 -22.88 -0.01 0.64
C ASN A 260 -24.10 -0.64 -0.03
N ALA A 269 -19.85 -7.26 -4.27
CA ALA A 269 -19.64 -6.53 -3.03
C ALA A 269 -19.72 -7.45 -1.82
N LEU A 270 -19.46 -6.91 -0.62
CA LEU A 270 -19.37 -7.72 0.58
C LEU A 270 -20.75 -8.05 1.14
N SER A 271 -20.83 -9.18 1.83
CA SER A 271 -22.03 -9.66 2.49
C SER A 271 -22.05 -9.21 3.96
N ASP A 272 -22.84 -9.91 4.79
CA ASP A 272 -22.98 -9.64 6.22
C ASP A 272 -22.62 -10.84 7.07
N LEU A 273 -22.92 -12.06 6.62
CA LEU A 273 -22.35 -13.23 7.26
C LEU A 273 -20.91 -13.43 6.84
N GLU A 274 -20.54 -12.97 5.65
CA GLU A 274 -19.14 -12.92 5.24
C GLU A 274 -18.36 -11.84 5.98
N LEU A 275 -19.04 -10.94 6.67
CA LEU A 275 -18.37 -9.88 7.42
C LEU A 275 -18.00 -10.32 8.82
N VAL A 276 -18.78 -11.23 9.40
CA VAL A 276 -18.41 -11.81 10.69
C VAL A 276 -17.20 -12.70 10.53
N ALA A 277 -17.08 -13.37 9.38
CA ALA A 277 -15.98 -14.30 9.16
C ALA A 277 -14.63 -13.59 9.28
N GLN A 278 -14.48 -12.47 8.58
CA GLN A 278 -13.21 -11.75 8.64
C GLN A 278 -12.97 -11.17 10.02
N SER A 279 -14.04 -10.78 10.73
CA SER A 279 -13.89 -10.26 12.08
C SER A 279 -13.17 -11.25 12.97
N ILE A 280 -13.43 -12.54 12.77
CA ILE A 280 -12.86 -13.56 13.65
C ILE A 280 -11.40 -13.88 13.25
N ILE A 281 -11.14 -14.00 11.95
CA ILE A 281 -9.76 -14.17 11.47
C ILE A 281 -8.86 -13.11 12.09
N PHE A 282 -9.35 -11.87 12.15
CA PHE A 282 -8.55 -10.79 12.68
C PHE A 282 -8.39 -10.90 14.19
N ILE A 283 -9.48 -11.21 14.90
CA ILE A 283 -9.42 -11.26 16.37
C ILE A 283 -8.43 -12.34 16.83
N PHE A 284 -8.59 -13.56 16.33
CA PHE A 284 -7.64 -14.61 16.67
C PHE A 284 -6.21 -14.21 16.30
N ALA A 285 -5.97 -13.94 15.01
CA ALA A 285 -4.64 -13.59 14.54
C ALA A 285 -4.04 -12.45 15.36
N GLY A 286 -4.85 -11.45 15.70
CA GLY A 286 -4.38 -10.36 16.52
C GLY A 286 -4.12 -10.75 17.97
N TYR A 287 -4.89 -11.70 18.49
CA TYR A 287 -4.70 -12.13 19.89
C TYR A 287 -3.52 -13.08 20.02
N GLU A 288 -3.65 -14.28 19.42
CA GLU A 288 -2.70 -15.34 19.71
C GLU A 288 -1.34 -15.05 19.10
N THR A 289 -1.31 -14.77 17.79
CA THR A 289 -0.02 -14.56 17.13
C THR A 289 0.79 -13.51 17.87
N THR A 290 0.14 -12.39 18.22
CA THR A 290 0.83 -11.31 18.92
C THR A 290 1.38 -11.76 20.26
N SER A 291 0.52 -12.32 21.12
CA SER A 291 0.94 -12.64 22.47
C SER A 291 1.91 -13.80 22.49
N SER A 292 1.69 -14.82 21.66
CA SER A 292 2.66 -15.91 21.55
C SER A 292 4.06 -15.38 21.25
N VAL A 293 4.16 -14.49 20.26
CA VAL A 293 5.47 -14.01 19.82
C VAL A 293 6.11 -13.11 20.88
N LEU A 294 5.32 -12.23 21.51
CA LEU A 294 5.85 -11.36 22.57
C LEU A 294 6.43 -12.19 23.70
N SER A 295 5.69 -13.22 24.13
CA SER A 295 6.20 -14.18 25.10
C SER A 295 7.54 -14.74 24.65
N PHE A 296 7.56 -15.37 23.47
CA PHE A 296 8.80 -15.94 22.93
C PHE A 296 9.95 -14.94 22.98
N ILE A 297 9.66 -13.65 22.74
CA ILE A 297 10.71 -12.63 22.77
C ILE A 297 11.26 -12.47 24.18
N MET A 298 10.35 -12.42 25.17
CA MET A 298 10.75 -12.15 26.55
C MET A 298 11.58 -13.27 27.15
N TYR A 299 11.32 -14.52 26.79
CA TYR A 299 12.19 -15.62 27.20
C TYR A 299 13.63 -15.38 26.75
N GLU A 300 13.82 -14.87 25.53
CA GLU A 300 15.17 -14.71 25.01
C GLU A 300 15.91 -13.57 25.69
N LEU A 301 15.20 -12.48 26.02
CA LEU A 301 15.85 -11.37 26.69
C LEU A 301 16.24 -11.74 28.12
N ALA A 302 15.39 -12.51 28.80
CA ALA A 302 15.76 -13.05 30.10
C ALA A 302 16.98 -13.96 29.99
N THR A 303 16.95 -14.92 29.07
CA THR A 303 18.10 -15.78 28.84
C THR A 303 19.32 -15.05 28.25
N HIS A 304 19.20 -13.78 27.89
CA HIS A 304 20.32 -13.01 27.33
C HIS A 304 20.29 -11.60 27.89
N PRO A 305 20.64 -11.43 29.19
CA PRO A 305 20.57 -10.09 29.81
C PRO A 305 21.37 -9.01 29.09
N ASP A 306 22.33 -9.42 28.25
CA ASP A 306 23.12 -8.45 27.51
C ASP A 306 22.33 -7.85 26.36
N VAL A 307 21.65 -8.70 25.59
CA VAL A 307 20.82 -8.23 24.48
C VAL A 307 19.66 -7.40 25.00
N GLN A 308 19.09 -7.82 26.12
CA GLN A 308 18.07 -6.99 26.77
C GLN A 308 18.65 -5.65 27.23
N GLN A 309 19.85 -5.66 27.80
CA GLN A 309 20.46 -4.39 28.21
C GLN A 309 20.76 -3.53 26.99
N LYS A 310 21.39 -4.12 25.97
CA LYS A 310 21.67 -3.40 24.75
C LYS A 310 20.39 -2.81 24.16
N LEU A 311 19.33 -3.62 24.10
CA LEU A 311 18.04 -3.11 23.62
C LEU A 311 17.50 -2.06 24.56
N GLN A 312 17.74 -2.21 25.87
CA GLN A 312 17.27 -1.21 26.82
C GLN A 312 17.99 0.12 26.61
N GLU A 313 19.27 0.07 26.24
CA GLU A 313 20.05 1.28 26.06
C GLU A 313 19.57 2.08 24.85
N GLU A 314 18.97 1.43 23.87
CA GLU A 314 18.59 2.12 22.64
C GLU A 314 17.25 2.83 22.77
N ILE A 315 16.30 2.22 23.47
CA ILE A 315 14.99 2.87 23.65
C ILE A 315 15.15 4.17 24.43
N ASP A 316 15.95 4.14 25.49
CA ASP A 316 16.16 5.33 26.30
C ASP A 316 16.81 6.45 25.52
N ALA A 317 17.66 6.11 24.54
CA ALA A 317 18.26 7.12 23.69
C ALA A 317 17.21 7.76 22.77
N VAL A 318 16.44 6.93 22.06
CA VAL A 318 15.47 7.45 21.10
C VAL A 318 14.32 8.13 21.84
N LEU A 319 13.81 7.53 22.91
CA LEU A 319 12.69 8.05 23.67
C LEU A 319 13.12 8.37 25.10
N PRO A 320 13.78 9.52 25.31
CA PRO A 320 14.24 9.87 26.67
C PRO A 320 13.07 10.31 27.55
N ASN A 321 13.33 10.32 28.86
CA ASN A 321 12.33 10.66 29.88
C ASN A 321 11.12 9.73 29.81
N LYS A 322 11.32 8.51 29.29
CA LYS A 322 10.24 7.57 28.99
C LYS A 322 9.20 8.21 28.06
N ALA A 323 9.71 8.79 26.97
CA ALA A 323 8.88 9.53 26.04
C ALA A 323 7.85 8.62 25.38
N PRO A 324 6.68 9.14 25.02
CA PRO A 324 5.65 8.31 24.41
C PRO A 324 6.13 7.82 23.05
N PRO A 325 6.14 6.52 22.83
CA PRO A 325 6.56 6.01 21.52
C PRO A 325 5.54 6.41 20.46
N THR A 326 6.02 7.05 19.39
CA THR A 326 5.18 7.39 18.25
C THR A 326 5.58 6.54 17.05
N TYR A 327 4.66 6.43 16.09
CA TYR A 327 4.88 5.69 14.84
C TYR A 327 6.31 5.83 14.32
N ASP A 328 6.76 7.08 14.17
CA ASP A 328 8.00 7.35 13.45
C ASP A 328 9.22 6.93 14.26
N THR A 329 9.10 6.91 15.60
CA THR A 329 10.20 6.47 16.44
C THR A 329 10.29 4.95 16.55
N VAL A 330 9.14 4.27 16.52
CA VAL A 330 9.13 2.80 16.50
C VAL A 330 9.88 2.29 15.28
N LEU A 331 9.62 2.88 14.12
CA LEU A 331 10.38 2.51 12.93
C LEU A 331 11.85 2.87 13.06
N GLN A 332 12.20 3.79 13.97
CA GLN A 332 13.55 4.31 13.99
C GLN A 332 14.52 3.33 14.64
N MET A 333 14.05 2.60 15.65
CA MET A 333 14.90 1.68 16.42
C MET A 333 15.29 0.46 15.58
N GLU A 334 16.59 0.23 15.45
CA GLU A 334 17.14 -0.85 14.64
C GLU A 334 17.42 -2.12 15.43
N TYR A 335 17.77 -2.01 16.71
CA TYR A 335 17.95 -3.21 17.52
C TYR A 335 16.60 -3.84 17.85
N LEU A 336 15.60 -3.00 18.14
CA LEU A 336 14.24 -3.49 18.35
C LEU A 336 13.78 -4.36 17.19
N ASP A 337 14.14 -3.96 15.96
CA ASP A 337 13.78 -4.75 14.79
C ASP A 337 14.63 -6.02 14.69
N MET A 338 15.95 -5.91 14.95
CA MET A 338 16.81 -7.09 14.93
C MET A 338 16.38 -8.11 15.98
N VAL A 339 16.04 -7.64 17.19
CA VAL A 339 15.60 -8.53 18.25
C VAL A 339 14.35 -9.29 17.84
N VAL A 340 13.38 -8.58 17.24
CA VAL A 340 12.11 -9.20 16.88
C VAL A 340 12.27 -10.14 15.69
N ASN A 341 13.20 -9.83 14.79
CA ASN A 341 13.40 -10.72 13.63
C ASN A 341 14.07 -12.02 14.06
N GLU A 342 15.13 -11.92 14.88
CA GLU A 342 15.83 -13.13 15.31
C GLU A 342 14.88 -14.06 16.07
N THR A 343 14.03 -13.52 16.93
CA THR A 343 13.00 -14.32 17.59
C THR A 343 12.12 -15.01 16.56
N LEU A 344 11.63 -14.25 15.59
CA LEU A 344 10.80 -14.87 14.56
C LEU A 344 11.61 -15.84 13.71
N ARG A 345 12.93 -15.61 13.60
CA ARG A 345 13.76 -16.63 12.97
C ARG A 345 13.68 -17.94 13.75
N LEU A 346 13.79 -17.86 15.08
CA LEU A 346 13.75 -19.06 15.91
C LEU A 346 12.35 -19.63 16.05
N PHE A 347 11.32 -18.78 16.07
CA PHE A 347 9.95 -19.23 16.36
C PHE A 347 8.98 -18.77 15.27
N PRO A 348 9.10 -19.31 14.05
CA PRO A 348 8.09 -19.00 13.03
C PRO A 348 6.78 -19.67 13.40
N ILE A 349 5.84 -18.89 13.91
CA ILE A 349 4.55 -19.39 14.41
C ILE A 349 3.75 -20.13 13.37
N ALA A 350 4.22 -20.10 12.12
CA ALA A 350 3.64 -20.86 11.01
C ALA A 350 4.34 -22.18 10.68
N MET A 351 5.68 -22.22 10.75
CA MET A 351 6.48 -23.43 10.56
C MET A 351 6.49 -23.77 9.08
N ARG A 352 5.31 -23.92 8.48
CA ARG A 352 5.20 -24.21 7.06
C ARG A 352 4.38 -23.18 6.30
N LEU A 353 4.77 -22.90 5.08
CA LEU A 353 3.89 -22.26 4.14
C LEU A 353 3.46 -23.33 3.15
N GLU A 354 2.19 -23.28 2.75
CA GLU A 354 1.66 -24.25 1.80
C GLU A 354 0.86 -23.52 0.75
N ARG A 355 0.92 -24.03 -0.47
CA ARG A 355 -0.01 -23.67 -1.53
C ARG A 355 -0.44 -24.94 -2.24
N VAL A 356 -1.70 -25.00 -2.63
CA VAL A 356 -2.19 -26.03 -3.54
C VAL A 356 -1.81 -25.64 -4.96
N CYS A 357 -1.03 -26.48 -5.62
CA CYS A 357 -0.77 -26.32 -7.05
C CYS A 357 -2.00 -26.72 -7.84
N LYS A 358 -2.64 -25.75 -8.51
CA LYS A 358 -3.95 -25.96 -9.10
C LYS A 358 -3.92 -26.47 -10.54
N LYS A 359 -2.73 -26.65 -11.13
CA LYS A 359 -2.61 -27.15 -12.49
C LYS A 359 -1.18 -27.57 -12.72
N ASP A 360 -0.98 -28.51 -13.66
CA ASP A 360 0.36 -28.95 -14.01
C ASP A 360 1.26 -27.76 -14.33
N VAL A 361 2.50 -27.80 -13.83
CA VAL A 361 3.52 -26.82 -14.14
C VAL A 361 4.87 -27.51 -14.18
N GLU A 362 5.88 -26.77 -14.67
CA GLU A 362 7.25 -27.21 -14.68
C GLU A 362 8.09 -26.00 -14.20
N ILE A 363 7.93 -25.66 -12.93
CA ILE A 363 8.67 -24.54 -12.36
C ILE A 363 10.13 -24.95 -12.18
N ASN A 364 11.02 -23.97 -12.36
CA ASN A 364 12.47 -24.10 -12.20
C ASN A 364 13.02 -25.48 -12.60
N GLY A 365 12.60 -25.98 -13.76
CA GLY A 365 13.10 -27.25 -14.24
C GLY A 365 12.57 -28.46 -13.51
N MET A 366 11.37 -28.35 -12.93
CA MET A 366 10.80 -29.42 -12.13
C MET A 366 9.31 -29.51 -12.36
N PHE A 367 8.85 -30.62 -12.92
CA PHE A 367 7.42 -30.81 -13.14
C PHE A 367 6.70 -30.99 -11.81
N ILE A 368 5.50 -30.46 -11.72
CA ILE A 368 4.70 -30.59 -10.50
C ILE A 368 3.25 -30.90 -10.85
N PRO A 369 2.74 -32.06 -10.44
CA PRO A 369 1.40 -32.48 -10.87
C PRO A 369 0.29 -31.68 -10.20
N LYS A 370 -0.79 -31.49 -10.96
CA LYS A 370 -2.00 -30.90 -10.43
C LYS A 370 -2.47 -31.65 -9.19
N GLY A 371 -2.59 -30.93 -8.08
CA GLY A 371 -3.09 -31.48 -6.84
C GLY A 371 -2.10 -31.44 -5.70
N VAL A 372 -0.80 -31.51 -6.00
CA VAL A 372 0.22 -31.53 -4.95
C VAL A 372 0.14 -30.27 -4.10
N VAL A 373 0.37 -30.41 -2.80
CA VAL A 373 0.54 -29.25 -1.93
C VAL A 373 2.04 -28.97 -1.89
N VAL A 374 2.42 -27.80 -2.36
CA VAL A 374 3.80 -27.37 -2.30
C VAL A 374 4.02 -26.76 -0.92
N MET A 375 5.10 -27.16 -0.25
CA MET A 375 5.27 -26.85 1.16
C MET A 375 6.65 -26.24 1.31
N ILE A 376 6.69 -24.97 1.70
CA ILE A 376 7.92 -24.31 2.10
C ILE A 376 8.05 -24.51 3.61
N PRO A 377 9.09 -25.19 4.08
CA PRO A 377 9.24 -25.50 5.52
C PRO A 377 10.00 -24.41 6.27
N SER A 378 9.25 -23.37 6.61
CA SER A 378 9.81 -22.19 7.26
C SER A 378 10.73 -22.56 8.43
N TYR A 379 10.21 -23.35 9.38
CA TYR A 379 10.95 -23.68 10.60
C TYR A 379 12.28 -24.34 10.27
N ALA A 380 12.27 -25.37 9.44
CA ALA A 380 13.53 -25.99 9.04
C ALA A 380 14.42 -25.00 8.29
N LEU A 381 13.84 -24.21 7.40
CA LEU A 381 14.65 -23.29 6.61
C LEU A 381 15.31 -22.23 7.50
N HIS A 382 14.61 -21.79 8.55
CA HIS A 382 15.17 -20.80 9.45
C HIS A 382 16.32 -21.32 10.29
N ARG A 383 16.54 -22.63 10.31
CA ARG A 383 17.57 -23.25 11.14
C ARG A 383 18.57 -24.03 10.31
N ASP A 384 18.56 -23.86 9.00
CA ASP A 384 19.46 -24.54 8.09
C ASP A 384 20.90 -24.08 8.32
N PRO A 385 21.82 -24.96 8.71
CA PRO A 385 23.22 -24.53 8.89
C PRO A 385 23.91 -24.17 7.59
N LYS A 386 23.36 -24.54 6.44
CA LYS A 386 23.92 -24.12 5.16
C LYS A 386 23.54 -22.68 4.81
N TYR A 387 22.81 -22.00 5.69
CA TYR A 387 22.52 -20.58 5.56
C TYR A 387 22.72 -19.79 6.85
N TRP A 388 22.62 -20.42 8.02
CA TRP A 388 22.72 -19.72 9.29
C TRP A 388 23.88 -20.29 10.09
N THR A 389 24.75 -19.39 10.54
CA THR A 389 25.87 -19.77 11.40
C THR A 389 25.36 -19.99 12.81
N GLU A 390 25.61 -21.19 13.37
CA GLU A 390 25.11 -21.60 14.68
C GLU A 390 23.60 -21.40 14.75
N PRO A 391 22.82 -22.16 13.99
CA PRO A 391 21.39 -21.81 13.84
C PRO A 391 20.62 -21.73 15.15
N GLU A 392 21.06 -22.41 16.20
CA GLU A 392 20.25 -22.55 17.41
C GLU A 392 20.52 -21.46 18.44
N LYS A 393 21.55 -20.64 18.25
CA LYS A 393 21.81 -19.56 19.18
C LYS A 393 21.02 -18.33 18.75
N PHE A 394 20.53 -17.59 19.74
CA PHE A 394 19.77 -16.37 19.51
C PHE A 394 20.76 -15.22 19.41
N LEU A 395 20.99 -14.74 18.19
CA LEU A 395 22.02 -13.72 17.91
C LEU A 395 21.45 -12.62 17.01
N PRO A 396 20.80 -11.62 17.59
CA PRO A 396 20.27 -10.48 16.81
C PRO A 396 21.22 -9.91 15.76
N GLU A 397 22.53 -10.06 15.95
CA GLU A 397 23.50 -9.48 15.03
C GLU A 397 23.44 -10.12 13.65
N ARG A 398 22.86 -11.32 13.53
CA ARG A 398 22.42 -11.89 12.26
C ARG A 398 21.76 -10.83 11.40
N PHE A 399 21.07 -9.90 12.04
CA PHE A 399 20.11 -9.01 11.41
C PHE A 399 20.51 -7.54 11.47
N SER A 400 21.76 -7.24 11.80
CA SER A 400 22.24 -5.87 11.65
C SER A 400 22.39 -5.52 10.18
N LYS A 401 22.35 -4.22 9.88
CA LYS A 401 22.51 -3.81 8.49
C LYS A 401 23.89 -4.16 7.95
N LYS A 402 24.89 -4.30 8.82
CA LYS A 402 26.17 -4.83 8.39
C LYS A 402 26.07 -6.28 7.91
N ASN A 403 25.06 -7.03 8.35
CA ASN A 403 24.92 -8.43 7.99
C ASN A 403 23.61 -8.79 7.29
N LYS A 404 22.54 -7.99 7.43
CA LYS A 404 21.24 -8.37 6.88
C LYS A 404 21.19 -8.40 5.36
N ASP A 405 22.32 -8.15 4.69
CA ASP A 405 22.39 -8.23 3.23
C ASP A 405 22.55 -9.65 2.75
N ASN A 406 23.39 -10.43 3.43
CA ASN A 406 23.58 -11.85 3.15
C ASN A 406 22.42 -12.67 3.72
N ILE A 407 21.20 -12.14 3.60
CA ILE A 407 20.02 -12.72 4.24
C ILE A 407 18.92 -12.83 3.18
N ASP A 408 18.62 -14.05 2.78
CA ASP A 408 17.70 -14.31 1.68
C ASP A 408 16.26 -14.10 2.14
N PRO A 409 15.47 -13.25 1.48
CA PRO A 409 14.06 -13.08 1.83
C PRO A 409 13.14 -14.17 1.32
N TYR A 410 13.69 -15.26 0.77
CA TYR A 410 12.92 -16.45 0.46
C TYR A 410 13.28 -17.62 1.35
N ILE A 411 14.34 -17.49 2.14
CA ILE A 411 14.59 -18.38 3.27
C ILE A 411 13.96 -17.84 4.54
N TYR A 412 14.12 -16.53 4.79
CA TYR A 412 13.59 -15.89 5.98
C TYR A 412 12.23 -15.29 5.63
N THR A 413 11.16 -16.02 5.94
CA THR A 413 9.79 -15.62 5.56
C THR A 413 8.82 -15.85 6.72
N PRO A 414 8.99 -15.16 7.84
CA PRO A 414 8.03 -15.33 8.94
C PRO A 414 6.62 -14.87 8.61
N PHE A 415 6.47 -13.97 7.63
CA PHE A 415 5.15 -13.51 7.22
C PHE A 415 4.83 -13.98 5.82
N GLY A 416 5.41 -15.10 5.43
CA GLY A 416 5.23 -15.54 4.09
C GLY A 416 5.76 -14.49 3.14
N SER A 417 5.15 -14.45 1.95
CA SER A 417 5.72 -13.74 0.82
C SER A 417 4.71 -13.69 -0.30
N GLY A 418 4.77 -12.59 -1.05
CA GLY A 418 4.00 -12.44 -2.26
C GLY A 418 2.57 -12.00 -2.04
N PRO A 419 1.74 -12.16 -3.07
CA PRO A 419 0.35 -11.70 -2.99
C PRO A 419 -0.41 -12.21 -1.79
N ARG A 420 -0.09 -13.40 -1.29
CA ARG A 420 -0.86 -14.09 -0.26
C ARG A 420 -0.19 -14.02 1.12
N ASN A 421 0.85 -13.20 1.27
CA ASN A 421 1.61 -13.06 2.49
C ASN A 421 0.71 -12.54 3.64
N CYS A 422 1.30 -12.31 4.81
CA CYS A 422 0.51 -11.91 5.98
C CYS A 422 0.03 -10.48 5.84
N ILE A 423 -1.28 -10.30 5.66
CA ILE A 423 -1.87 -8.98 5.50
C ILE A 423 -1.65 -8.12 6.75
N GLY A 424 -1.53 -8.75 7.92
CA GLY A 424 -1.29 -8.09 9.20
C GLY A 424 0.16 -7.86 9.59
N MET A 425 1.12 -8.26 8.76
CA MET A 425 2.54 -8.09 9.06
C MET A 425 2.84 -6.71 9.64
N ARG A 426 2.57 -5.66 8.86
CA ARG A 426 3.02 -4.33 9.29
C ARG A 426 2.31 -3.91 10.58
N PHE A 427 1.02 -4.21 10.71
CA PHE A 427 0.32 -3.92 11.95
C PHE A 427 0.89 -4.72 13.13
N ALA A 428 1.16 -6.02 12.92
CA ALA A 428 1.64 -6.85 14.04
C ALA A 428 2.99 -6.36 14.57
N LEU A 429 3.96 -6.15 13.66
CA LEU A 429 5.25 -5.57 14.04
C LEU A 429 5.10 -4.22 14.74
N MET A 430 4.03 -3.49 14.47
CA MET A 430 3.83 -2.27 15.24
C MET A 430 3.28 -2.59 16.61
N ASN A 431 2.24 -3.42 16.66
CA ASN A 431 1.67 -3.83 17.94
C ASN A 431 2.74 -4.39 18.85
N MET A 432 3.57 -5.28 18.32
CA MET A 432 4.59 -5.91 19.16
C MET A 432 5.66 -4.92 19.57
N LYS A 433 6.18 -4.13 18.63
CA LYS A 433 7.21 -3.18 19.00
C LYS A 433 6.68 -2.07 19.88
N LEU A 434 5.37 -1.83 19.89
CA LEU A 434 4.82 -0.84 20.82
C LEU A 434 4.75 -1.39 22.24
N ALA A 435 4.39 -2.66 22.38
CA ALA A 435 4.39 -3.28 23.69
C ALA A 435 5.80 -3.40 24.26
N LEU A 436 6.75 -3.82 23.43
CA LEU A 436 8.12 -4.00 23.92
C LEU A 436 8.68 -2.73 24.51
N ILE A 437 8.41 -1.58 23.87
CA ILE A 437 8.94 -0.31 24.33
C ILE A 437 8.39 0.04 25.70
N ARG A 438 7.06 0.18 25.81
CA ARG A 438 6.46 0.60 27.05
C ARG A 438 6.62 -0.42 28.17
N VAL A 439 7.11 -1.62 27.86
CA VAL A 439 7.40 -2.61 28.91
C VAL A 439 8.82 -2.46 29.42
N LEU A 440 9.81 -2.46 28.52
CA LEU A 440 11.19 -2.39 28.95
C LEU A 440 11.57 -1.01 29.48
N GLN A 441 10.80 0.03 29.14
CA GLN A 441 11.02 1.34 29.74
C GLN A 441 10.85 1.29 31.26
N ASN A 442 9.93 0.46 31.75
CA ASN A 442 9.60 0.42 33.16
C ASN A 442 10.15 -0.81 33.88
N PHE A 443 10.50 -1.88 33.17
CA PHE A 443 10.84 -3.14 33.82
C PHE A 443 12.04 -3.80 33.14
N SER A 444 12.65 -4.74 33.88
CA SER A 444 13.70 -5.62 33.39
C SER A 444 13.32 -7.06 33.74
N PHE A 445 13.99 -8.03 33.11
CA PHE A 445 13.54 -9.42 33.15
C PHE A 445 14.70 -10.37 33.42
N LYS A 446 14.49 -11.28 34.37
CA LYS A 446 15.38 -12.39 34.70
C LYS A 446 14.54 -13.65 34.84
N PRO A 447 15.15 -14.83 34.73
CA PRO A 447 14.41 -16.08 34.87
C PRO A 447 14.13 -16.45 36.32
N CYS A 448 13.37 -17.53 36.51
CA CYS A 448 12.91 -18.04 37.80
C CYS A 448 13.49 -19.44 38.07
N LYS A 449 13.15 -19.96 39.24
CA LYS A 449 13.43 -21.37 39.52
C LYS A 449 12.68 -22.28 38.56
N GLU A 450 11.46 -21.89 38.19
CA GLU A 450 10.54 -22.74 37.44
C GLU A 450 10.54 -22.48 35.95
N THR A 451 11.23 -21.44 35.49
CA THR A 451 11.31 -21.19 34.05
C THR A 451 11.99 -22.35 33.34
N GLN A 452 11.29 -22.95 32.37
CA GLN A 452 11.87 -24.04 31.59
C GLN A 452 13.07 -23.53 30.82
N ILE A 453 14.25 -24.00 31.18
CA ILE A 453 15.49 -23.60 30.52
C ILE A 453 16.31 -24.85 30.24
N PRO A 454 16.53 -25.23 28.97
CA PRO A 454 15.98 -24.51 27.81
C PRO A 454 14.51 -24.80 27.62
N LEU A 455 13.84 -23.97 26.83
CA LEU A 455 12.41 -24.13 26.58
C LEU A 455 12.18 -25.26 25.60
N LYS A 456 11.36 -26.23 25.99
CA LYS A 456 10.92 -27.25 25.06
C LYS A 456 9.79 -26.68 24.21
N LEU A 457 9.82 -26.98 22.92
CA LEU A 457 8.69 -26.62 22.07
C LEU A 457 7.53 -27.56 22.35
N SER A 458 6.32 -27.07 22.08
CA SER A 458 5.18 -27.98 22.12
C SER A 458 5.48 -29.02 21.06
N LEU A 459 5.65 -30.26 21.49
CA LEU A 459 5.94 -31.35 20.57
C LEU A 459 4.61 -31.80 19.97
N GLY A 460 3.64 -30.90 19.99
CA GLY A 460 2.31 -31.18 19.45
C GLY A 460 2.13 -30.65 18.05
N GLY A 461 1.34 -29.59 17.93
CA GLY A 461 1.08 -28.97 16.64
C GLY A 461 1.45 -27.50 16.62
N LEU A 462 0.53 -26.65 17.06
CA LEU A 462 0.76 -25.22 17.08
C LEU A 462 2.14 -24.89 17.64
N LEU A 463 2.67 -23.74 17.25
CA LEU A 463 3.98 -23.31 17.71
C LEU A 463 3.90 -22.63 19.08
N GLN A 464 3.95 -23.44 20.14
CA GLN A 464 3.88 -22.92 21.49
C GLN A 464 4.86 -23.70 22.35
N PRO A 465 5.03 -23.36 23.62
CA PRO A 465 5.89 -24.16 24.50
C PRO A 465 5.14 -25.32 25.16
N GLU A 466 5.94 -26.33 25.54
CA GLU A 466 5.45 -27.35 26.47
C GLU A 466 5.00 -26.78 27.81
N LYS A 467 5.95 -26.26 28.56
CA LYS A 467 5.56 -25.65 29.83
C LYS A 467 5.49 -24.15 29.52
N PRO A 468 4.47 -23.44 30.01
CA PRO A 468 4.37 -21.98 29.79
C PRO A 468 5.60 -21.22 30.26
N VAL A 469 5.68 -19.95 29.90
CA VAL A 469 6.83 -19.12 30.19
C VAL A 469 6.50 -18.20 31.36
N VAL A 470 7.22 -18.39 32.46
CA VAL A 470 7.10 -17.56 33.66
C VAL A 470 8.47 -16.93 33.93
N LEU A 471 8.49 -15.61 34.10
CA LEU A 471 9.73 -14.86 34.32
C LEU A 471 9.55 -13.90 35.48
N LYS A 472 10.64 -13.70 36.22
CA LYS A 472 10.66 -12.72 37.31
C LYS A 472 10.76 -11.32 36.72
N VAL A 473 10.09 -10.36 37.37
CA VAL A 473 10.01 -8.99 36.90
C VAL A 473 10.53 -8.05 38.00
N GLU A 474 11.24 -7.01 37.59
CA GLU A 474 11.83 -6.05 38.50
C GLU A 474 11.63 -4.64 37.96
N SER A 475 11.43 -3.68 38.85
CA SER A 475 11.10 -2.31 38.47
C SER A 475 12.35 -1.44 38.43
N ARG A 476 12.44 -0.57 37.43
CA ARG A 476 13.59 0.31 37.27
C ARG A 476 13.40 1.64 37.99
N SER B 9 2.59 45.09 4.25
CA SER B 9 2.04 43.74 4.19
C SER B 9 3.13 42.67 4.04
N HIS B 10 4.32 43.08 3.57
CA HIS B 10 5.41 42.14 3.29
C HIS B 10 6.23 41.76 4.51
N GLY B 11 5.79 42.12 5.71
CA GLY B 11 6.53 41.74 6.89
C GLY B 11 5.84 40.65 7.67
N LEU B 12 5.02 39.84 6.98
CA LEU B 12 4.24 38.83 7.66
C LEU B 12 5.07 37.64 8.08
N PHE B 13 6.12 37.31 7.33
CA PHE B 13 6.96 36.18 7.68
C PHE B 13 8.15 36.59 8.55
N LYS B 14 8.52 37.87 8.55
CA LYS B 14 9.39 38.37 9.61
C LYS B 14 8.67 38.34 10.95
N LYS B 15 7.39 38.72 10.96
CA LYS B 15 6.57 38.72 12.17
C LYS B 15 6.53 37.32 12.79
N LEU B 16 5.88 36.37 12.10
CA LEU B 16 5.69 34.99 12.58
C LEU B 16 6.98 34.21 12.68
N GLY B 17 8.15 34.82 12.57
CA GLY B 17 9.40 34.09 12.73
C GLY B 17 9.64 33.03 11.70
N ILE B 18 8.93 33.07 10.58
CA ILE B 18 9.09 32.08 9.51
C ILE B 18 10.14 32.58 8.52
N PRO B 19 11.19 31.81 8.25
CA PRO B 19 12.25 32.30 7.37
C PRO B 19 11.81 32.27 5.92
N GLY B 20 12.49 33.07 5.10
CA GLY B 20 12.19 33.10 3.70
C GLY B 20 13.11 33.98 2.88
N PRO B 21 12.97 33.88 1.55
CA PRO B 21 13.67 34.84 0.69
C PRO B 21 13.00 36.19 0.78
N THR B 22 13.81 37.23 0.90
CA THR B 22 13.27 38.55 1.11
C THR B 22 12.53 39.03 -0.13
N PRO B 23 11.33 39.58 0.02
CA PRO B 23 10.53 39.95 -1.15
C PRO B 23 10.73 41.40 -1.58
N LEU B 24 10.86 41.62 -2.89
CA LEU B 24 10.86 42.97 -3.41
C LEU B 24 9.47 43.60 -3.26
N PRO B 25 9.38 44.92 -3.09
CA PRO B 25 8.07 45.57 -3.01
C PRO B 25 7.21 45.41 -4.25
N PHE B 26 5.91 45.21 -4.04
CA PHE B 26 4.92 45.11 -5.11
C PHE B 26 5.05 43.77 -5.81
N LEU B 27 6.27 43.43 -6.26
CA LEU B 27 6.52 42.19 -6.98
C LEU B 27 6.46 40.96 -6.08
N GLY B 28 6.85 41.10 -4.82
CA GLY B 28 7.06 39.93 -4.00
C GLY B 28 8.25 39.15 -4.50
N ASN B 29 8.12 37.83 -4.51
CA ASN B 29 9.23 36.94 -4.77
C ASN B 29 9.21 36.36 -6.17
N ILE B 30 8.27 36.78 -7.02
CA ILE B 30 8.13 36.17 -8.35
C ILE B 30 9.35 36.40 -9.23
N LEU B 31 10.24 37.33 -8.84
CA LEU B 31 11.50 37.47 -9.56
C LEU B 31 12.28 36.17 -9.55
N SER B 32 12.14 35.38 -8.49
CA SER B 32 12.83 34.10 -8.38
C SER B 32 12.17 32.98 -9.17
N TYR B 33 10.99 33.21 -9.76
CA TYR B 33 10.39 32.29 -10.74
C TYR B 33 11.17 32.24 -12.05
N HIS B 34 12.25 33.01 -12.21
CA HIS B 34 12.93 33.10 -13.51
C HIS B 34 13.50 31.77 -13.96
N LYS B 35 13.55 30.77 -13.07
CA LYS B 35 13.97 29.42 -13.41
C LYS B 35 12.81 28.43 -13.43
N GLY B 36 11.64 28.82 -12.93
CA GLY B 36 10.48 27.94 -12.87
C GLY B 36 9.99 27.80 -11.44
N PHE B 37 8.71 27.44 -11.28
CA PHE B 37 8.18 27.15 -9.94
C PHE B 37 9.04 26.11 -9.24
N CYS B 38 9.27 24.98 -9.92
CA CYS B 38 9.85 23.81 -9.26
C CYS B 38 11.24 24.12 -8.71
N MET B 39 12.09 24.75 -9.51
CA MET B 39 13.45 25.01 -9.05
C MET B 39 13.47 26.02 -7.92
N PHE B 40 12.53 26.97 -7.92
CA PHE B 40 12.39 27.89 -6.79
C PHE B 40 11.91 27.18 -5.54
N ASP B 41 11.15 26.08 -5.71
CA ASP B 41 10.68 25.30 -4.57
C ASP B 41 11.80 24.45 -3.97
N MET B 42 12.56 23.75 -4.82
CA MET B 42 13.68 22.97 -4.31
C MET B 42 14.73 23.86 -3.66
N GLU B 43 15.02 25.01 -4.27
CA GLU B 43 15.95 25.99 -3.72
C GLU B 43 15.67 26.27 -2.25
N CYS B 44 14.48 26.81 -1.97
CA CYS B 44 14.18 27.29 -0.63
C CYS B 44 14.05 26.15 0.37
N HIS B 45 13.71 24.95 -0.09
CA HIS B 45 13.70 23.80 0.82
C HIS B 45 15.08 23.56 1.41
N LYS B 46 16.13 23.82 0.64
CA LYS B 46 17.49 23.82 1.16
C LYS B 46 17.78 25.08 1.97
N LYS B 47 17.30 26.23 1.52
CA LYS B 47 17.67 27.49 2.14
C LYS B 47 17.18 27.58 3.58
N TYR B 48 15.88 27.34 3.80
CA TYR B 48 15.25 27.71 5.07
C TYR B 48 14.68 26.55 5.87
N GLY B 49 14.52 25.36 5.29
CA GLY B 49 14.23 24.18 6.10
C GLY B 49 12.90 23.49 5.89
N LYS B 50 12.14 23.32 6.99
CA LYS B 50 10.91 22.55 6.96
C LYS B 50 9.69 23.41 6.70
N VAL B 51 9.75 24.69 7.05
CA VAL B 51 8.66 25.63 6.79
C VAL B 51 9.27 26.97 6.42
N TRP B 52 8.88 27.49 5.26
CA TRP B 52 9.37 28.79 4.79
C TRP B 52 8.24 29.56 4.13
N GLY B 53 8.45 30.86 3.95
CA GLY B 53 7.45 31.70 3.35
C GLY B 53 7.93 32.68 2.29
N PHE B 54 7.07 32.93 1.31
CA PHE B 54 7.39 33.85 0.24
C PHE B 54 6.11 34.52 -0.22
N TYR B 55 6.23 35.49 -1.12
CA TYR B 55 5.11 36.34 -1.49
C TYR B 55 4.92 36.34 -3.00
N ASP B 56 3.69 36.09 -3.45
CA ASP B 56 3.33 36.16 -4.87
C ASP B 56 2.68 37.52 -5.13
N GLY B 57 3.52 38.53 -5.28
CA GLY B 57 3.07 39.91 -5.25
C GLY B 57 2.96 40.39 -3.80
N GLN B 58 1.75 40.78 -3.39
CA GLN B 58 1.44 41.02 -1.98
C GLN B 58 0.92 39.76 -1.32
N GLN B 59 0.87 38.66 -2.07
CA GLN B 59 0.18 37.45 -1.65
C GLN B 59 1.12 36.55 -0.88
N PRO B 60 0.95 36.38 0.42
CA PRO B 60 1.87 35.54 1.20
C PRO B 60 1.53 34.06 1.02
N VAL B 61 2.54 33.27 0.68
CA VAL B 61 2.40 31.82 0.49
C VAL B 61 3.21 31.11 1.56
N LEU B 62 2.57 30.18 2.27
CA LEU B 62 3.22 29.35 3.27
C LEU B 62 3.50 27.98 2.67
N ALA B 63 4.77 27.60 2.63
CA ALA B 63 5.20 26.31 2.11
C ALA B 63 5.42 25.33 3.27
N ILE B 64 4.64 24.26 3.30
CA ILE B 64 4.69 23.27 4.38
C ILE B 64 5.28 21.98 3.84
N THR B 65 6.22 21.41 4.59
CA THR B 65 6.83 20.13 4.23
C THR B 65 6.58 19.01 5.24
N ASP B 66 6.15 19.34 6.46
CA ASP B 66 5.87 18.34 7.49
C ASP B 66 4.65 17.51 7.10
N PRO B 67 4.77 16.19 6.96
CA PRO B 67 3.67 15.39 6.37
C PRO B 67 2.45 15.26 7.26
N ASP B 68 2.51 15.70 8.52
CA ASP B 68 1.32 15.76 9.36
C ASP B 68 0.54 17.05 9.14
N MET B 69 1.23 18.20 9.20
CA MET B 69 0.70 19.45 8.69
C MET B 69 0.01 19.25 7.34
N ILE B 70 0.72 18.63 6.40
CA ILE B 70 0.16 18.36 5.07
C ILE B 70 -1.15 17.60 5.20
N LYS B 71 -1.19 16.61 6.10
CA LYS B 71 -2.40 15.82 6.34
C LYS B 71 -3.49 16.65 7.00
N THR B 72 -3.12 17.45 8.00
CA THR B 72 -4.06 18.37 8.61
C THR B 72 -4.70 19.30 7.58
N VAL B 73 -3.91 19.76 6.60
CA VAL B 73 -4.38 20.75 5.63
C VAL B 73 -5.25 20.12 4.54
N LEU B 74 -4.88 18.91 4.07
CA LEU B 74 -5.59 18.31 2.95
C LEU B 74 -6.78 17.46 3.37
N VAL B 75 -6.78 16.91 4.59
CA VAL B 75 -7.75 15.87 4.95
C VAL B 75 -8.54 16.24 6.19
N LYS B 76 -7.85 16.40 7.33
CA LYS B 76 -8.53 16.69 8.58
C LYS B 76 -9.34 17.97 8.61
N GLU B 77 -8.65 19.08 8.36
CA GLU B 77 -9.20 20.42 8.47
C GLU B 77 -9.46 20.95 7.06
N CYS B 78 -9.64 20.07 6.08
CA CYS B 78 -9.99 20.54 4.74
C CYS B 78 -11.35 21.21 4.72
N TYR B 79 -12.37 20.50 5.20
CA TYR B 79 -13.73 21.05 5.21
C TYR B 79 -13.85 22.31 6.06
N SER B 80 -12.92 22.56 6.98
CA SER B 80 -13.07 23.64 7.95
C SER B 80 -12.29 24.89 7.55
N VAL B 81 -10.96 24.80 7.48
CA VAL B 81 -10.11 25.96 7.35
C VAL B 81 -9.53 26.09 5.95
N PHE B 82 -9.17 24.97 5.33
CA PHE B 82 -8.55 24.94 4.01
C PHE B 82 -9.50 24.23 3.06
N THR B 83 -10.54 24.95 2.62
CA THR B 83 -11.50 24.39 1.68
C THR B 83 -11.12 24.63 0.22
N ASN B 84 -10.74 25.85 -0.13
CA ASN B 84 -10.68 26.26 -1.52
C ASN B 84 -9.24 26.49 -1.97
N ARG B 85 -9.06 26.54 -3.29
CA ARG B 85 -7.76 26.81 -3.87
C ARG B 85 -7.49 28.32 -3.94
N ARG B 86 -6.36 28.70 -4.53
CA ARG B 86 -6.00 30.10 -4.66
C ARG B 86 -6.97 30.82 -5.62
N PRO B 87 -7.38 32.06 -5.29
CA PRO B 87 -8.15 32.86 -6.26
C PRO B 87 -7.46 33.02 -7.61
N PHE B 88 -8.10 32.50 -8.65
CA PHE B 88 -7.58 32.55 -10.02
C PHE B 88 -8.62 33.23 -10.90
N GLY B 89 -8.20 34.28 -11.60
CA GLY B 89 -9.10 35.02 -12.46
C GLY B 89 -8.38 35.76 -13.55
N PRO B 90 -9.13 36.41 -14.45
CA PRO B 90 -10.60 36.40 -14.55
C PRO B 90 -11.13 35.24 -15.42
N VAL B 91 -12.32 34.73 -15.13
CA VAL B 91 -12.79 33.47 -15.70
C VAL B 91 -14.14 33.63 -16.39
N GLY B 92 -15.12 34.23 -15.73
CA GLY B 92 -16.42 34.48 -16.35
C GLY B 92 -17.53 33.56 -15.87
N PHE B 93 -18.20 32.88 -16.82
CA PHE B 93 -19.15 31.86 -16.43
C PHE B 93 -18.46 30.64 -15.82
N MET B 94 -17.15 30.51 -16.03
CA MET B 94 -16.36 29.40 -15.51
C MET B 94 -16.22 29.40 -13.99
N LYS B 95 -16.73 30.43 -13.30
CA LYS B 95 -16.65 30.49 -11.85
C LYS B 95 -17.37 29.34 -11.16
N SER B 96 -18.16 28.55 -11.91
CA SER B 96 -18.90 27.45 -11.33
C SER B 96 -18.18 26.10 -11.42
N ALA B 97 -17.17 25.98 -12.29
CA ALA B 97 -16.47 24.71 -12.45
C ALA B 97 -15.89 24.23 -11.12
N ILE B 98 -15.69 22.92 -11.01
CA ILE B 98 -15.44 22.32 -9.71
C ILE B 98 -14.04 22.68 -9.20
N SER B 99 -13.02 22.56 -10.05
CA SER B 99 -11.66 22.88 -9.62
C SER B 99 -11.53 24.33 -9.21
N ILE B 100 -12.59 25.13 -9.37
CA ILE B 100 -12.56 26.57 -9.15
C ILE B 100 -13.55 26.95 -8.05
N ALA B 101 -14.62 26.18 -7.92
CA ALA B 101 -15.70 26.52 -7.01
C ALA B 101 -15.22 26.55 -5.56
N GLU B 102 -15.97 27.21 -4.70
CA GLU B 102 -15.54 27.30 -3.30
C GLU B 102 -16.66 27.25 -2.27
N ASP B 103 -16.29 26.85 -1.06
CA ASP B 103 -17.21 26.76 0.07
C ASP B 103 -18.37 25.79 -0.16
N GLU B 104 -19.58 26.32 -0.03
CA GLU B 104 -20.80 25.54 -0.18
C GLU B 104 -21.05 25.13 -1.62
N GLU B 105 -20.73 26.01 -2.58
CA GLU B 105 -20.99 25.69 -3.98
C GLU B 105 -20.19 24.48 -4.43
N TRP B 106 -18.96 24.34 -3.95
CA TRP B 106 -18.14 23.19 -4.32
C TRP B 106 -18.67 21.88 -3.73
N LYS B 107 -19.27 21.96 -2.54
CA LYS B 107 -19.84 20.75 -1.93
C LYS B 107 -20.95 20.18 -2.80
N ARG B 108 -21.85 21.04 -3.28
CA ARG B 108 -22.96 20.58 -4.12
C ARG B 108 -22.46 20.00 -5.45
N LEU B 109 -21.26 20.37 -5.87
CA LEU B 109 -20.75 19.93 -7.17
C LEU B 109 -19.78 18.77 -7.08
N ARG B 110 -19.09 18.58 -5.95
CA ARG B 110 -18.26 17.40 -5.78
C ARG B 110 -19.09 16.17 -5.44
N SER B 111 -20.24 16.36 -4.78
CA SER B 111 -21.20 15.28 -4.65
C SER B 111 -21.76 14.88 -6.00
N LEU B 112 -22.29 15.85 -6.74
CA LEU B 112 -22.97 15.58 -8.00
C LEU B 112 -22.06 14.91 -9.02
N LEU B 113 -20.75 15.18 -8.97
CA LEU B 113 -19.83 14.68 -9.98
C LEU B 113 -18.97 13.52 -9.50
N SER B 114 -19.13 13.10 -8.25
CA SER B 114 -18.49 11.86 -7.79
C SER B 114 -18.96 10.61 -8.54
N PRO B 115 -20.27 10.44 -8.88
CA PRO B 115 -20.73 9.17 -9.49
C PRO B 115 -20.01 8.71 -10.75
N THR B 116 -19.19 9.58 -11.36
CA THR B 116 -18.61 9.23 -12.64
C THR B 116 -17.48 8.22 -12.52
N PHE B 117 -16.70 8.29 -11.44
CA PHE B 117 -15.50 7.46 -11.35
C PHE B 117 -15.62 6.44 -10.23
N THR B 118 -16.66 5.61 -10.32
CA THR B 118 -16.86 4.47 -9.45
C THR B 118 -16.15 3.24 -10.04
N SER B 119 -16.07 2.18 -9.24
CA SER B 119 -15.59 0.91 -9.80
C SER B 119 -16.58 0.37 -10.82
N GLY B 120 -17.86 0.74 -10.71
CA GLY B 120 -18.88 0.26 -11.62
C GLY B 120 -18.98 1.04 -12.92
N LYS B 121 -18.80 2.37 -12.86
CA LYS B 121 -18.85 3.19 -14.06
C LYS B 121 -17.53 3.23 -14.80
N LEU B 122 -16.42 2.88 -14.14
CA LEU B 122 -15.13 2.81 -14.82
C LEU B 122 -14.99 1.51 -15.60
N LYS B 123 -15.50 0.41 -15.06
CA LYS B 123 -15.53 -0.86 -15.79
C LYS B 123 -16.38 -0.74 -17.04
N GLU B 124 -17.43 0.08 -17.00
CA GLU B 124 -18.23 0.39 -18.18
C GLU B 124 -17.45 1.16 -19.23
N MET B 125 -16.24 1.60 -18.93
CA MET B 125 -15.44 2.41 -19.84
C MET B 125 -14.22 1.70 -20.40
N VAL B 126 -13.92 0.49 -19.93
CA VAL B 126 -12.81 -0.28 -20.48
C VAL B 126 -13.12 -0.77 -21.89
N PRO B 127 -14.33 -1.27 -22.19
CA PRO B 127 -14.60 -1.70 -23.57
C PRO B 127 -14.68 -0.56 -24.58
N ILE B 128 -15.07 0.66 -24.17
CA ILE B 128 -15.11 1.75 -25.13
C ILE B 128 -13.72 2.37 -25.30
N ILE B 129 -12.87 2.32 -24.26
CA ILE B 129 -11.47 2.71 -24.42
C ILE B 129 -10.69 1.67 -25.22
N ALA B 130 -11.10 0.39 -25.20
CA ALA B 130 -10.48 -0.64 -26.02
C ALA B 130 -10.63 -0.37 -27.51
N GLN B 131 -11.35 0.69 -27.92
CA GLN B 131 -11.56 1.05 -29.32
C GLN B 131 -10.54 2.06 -29.84
N TYR B 132 -10.14 3.03 -29.03
CA TYR B 132 -9.18 4.04 -29.44
C TYR B 132 -7.74 3.65 -29.13
N GLY B 133 -7.52 2.67 -28.25
CA GLY B 133 -6.20 2.08 -28.12
C GLY B 133 -5.76 1.28 -29.33
N ASP B 134 -6.68 1.04 -30.28
CA ASP B 134 -6.35 0.42 -31.56
C ASP B 134 -6.24 1.44 -32.69
N VAL B 135 -6.87 2.61 -32.55
CA VAL B 135 -6.57 3.75 -33.43
C VAL B 135 -5.21 4.36 -33.08
N LEU B 136 -4.63 3.96 -31.95
CA LEU B 136 -3.32 4.42 -31.50
C LEU B 136 -2.18 3.58 -32.07
N VAL B 137 -2.37 2.26 -32.15
CA VAL B 137 -1.36 1.40 -32.76
C VAL B 137 -1.34 1.58 -34.27
N ARG B 138 -2.51 1.76 -34.88
CA ARG B 138 -2.58 1.88 -36.33
C ARG B 138 -2.07 3.24 -36.81
N ASN B 139 -2.14 4.26 -35.95
CA ASN B 139 -1.50 5.54 -36.25
C ASN B 139 -0.04 5.58 -35.81
N LEU B 140 0.39 4.65 -34.95
CA LEU B 140 1.79 4.47 -34.61
C LEU B 140 2.48 3.38 -35.42
N ARG B 141 1.73 2.59 -36.17
CA ARG B 141 2.29 1.63 -37.12
C ARG B 141 2.61 2.29 -38.47
N ARG B 142 2.01 3.45 -38.74
CA ARG B 142 2.32 4.18 -39.97
C ARG B 142 3.61 5.00 -39.83
N GLU B 143 3.90 5.53 -38.64
CA GLU B 143 5.14 6.25 -38.39
C GLU B 143 6.24 5.34 -37.84
N ALA B 144 6.02 4.03 -37.82
CA ALA B 144 7.05 3.07 -37.46
C ALA B 144 7.57 2.30 -38.67
N GLU B 145 6.65 1.79 -39.49
CA GLU B 145 7.03 1.04 -40.67
C GLU B 145 7.99 1.84 -41.56
N THR B 146 8.13 3.12 -41.26
CA THR B 146 9.01 4.00 -42.02
C THR B 146 9.98 4.56 -40.98
N GLY B 147 11.25 4.67 -41.36
CA GLY B 147 12.27 5.19 -40.48
C GLY B 147 11.99 6.67 -40.28
N LYS B 148 11.57 7.04 -39.07
CA LYS B 148 11.26 8.43 -38.76
C LYS B 148 10.91 8.60 -37.29
N PRO B 149 11.59 9.60 -36.61
CA PRO B 149 11.22 9.73 -35.19
C PRO B 149 9.72 9.88 -35.01
N VAL B 150 9.26 9.85 -33.76
CA VAL B 150 7.84 9.99 -33.45
C VAL B 150 7.61 11.02 -32.35
N THR B 151 6.67 11.94 -32.59
CA THR B 151 6.36 12.98 -31.62
C THR B 151 5.23 12.46 -30.72
N LEU B 152 5.60 12.00 -29.53
CA LEU B 152 4.69 11.22 -28.70
C LEU B 152 3.45 12.01 -28.32
N LYS B 153 3.58 13.31 -28.10
CA LYS B 153 2.44 14.08 -27.61
C LYS B 153 1.41 14.40 -28.69
N ASP B 154 1.71 14.13 -29.96
CA ASP B 154 0.67 14.20 -30.98
C ASP B 154 -0.16 12.92 -30.99
N VAL B 155 0.51 11.78 -31.13
CA VAL B 155 -0.19 10.51 -31.22
C VAL B 155 -0.90 10.19 -29.91
N PHE B 156 -0.23 10.41 -28.78
CA PHE B 156 -0.90 10.27 -27.49
C PHE B 156 -1.96 11.35 -27.31
N GLY B 157 -1.65 12.58 -27.71
CA GLY B 157 -2.65 13.63 -27.64
C GLY B 157 -3.86 13.32 -28.49
N ALA B 158 -3.63 12.99 -29.77
CA ALA B 158 -4.72 12.53 -30.62
C ALA B 158 -5.47 11.39 -29.95
N TYR B 159 -4.76 10.52 -29.24
CA TYR B 159 -5.40 9.46 -28.47
C TYR B 159 -6.17 10.03 -27.29
N SER B 160 -5.45 10.68 -26.36
CA SER B 160 -6.09 11.20 -25.16
C SER B 160 -7.26 12.11 -25.48
N MET B 161 -7.19 12.81 -26.61
CA MET B 161 -8.36 13.57 -27.07
C MET B 161 -9.54 12.64 -27.34
N ASP B 162 -9.33 11.63 -28.19
CA ASP B 162 -10.41 10.72 -28.54
C ASP B 162 -11.06 10.10 -27.31
N VAL B 163 -10.24 9.73 -26.33
CA VAL B 163 -10.77 9.02 -25.16
C VAL B 163 -11.72 9.90 -24.37
N ILE B 164 -11.32 11.15 -24.12
CA ILE B 164 -12.09 11.99 -23.21
C ILE B 164 -13.41 12.44 -23.84
N THR B 165 -13.44 12.62 -25.16
CA THR B 165 -14.67 13.05 -25.80
C THR B 165 -15.75 11.99 -25.72
N SER B 166 -15.37 10.73 -25.52
CA SER B 166 -16.31 9.62 -25.45
C SER B 166 -16.60 9.14 -24.03
N THR B 167 -15.58 9.11 -23.17
CA THR B 167 -15.71 8.64 -21.79
C THR B 167 -16.70 9.49 -21.00
N SER B 168 -17.21 10.55 -21.61
CA SER B 168 -18.05 11.50 -20.91
C SER B 168 -19.29 11.85 -21.71
N PHE B 169 -19.15 11.90 -23.04
CA PHE B 169 -20.27 12.24 -23.90
C PHE B 169 -20.60 11.08 -24.82
N GLY B 170 -19.86 10.95 -25.91
CA GLY B 170 -20.08 9.88 -26.86
C GLY B 170 -19.62 10.19 -28.27
N VAL B 171 -19.10 11.40 -28.49
CA VAL B 171 -18.64 11.75 -29.82
C VAL B 171 -17.35 11.00 -30.15
N ASN B 172 -17.17 10.66 -31.42
CA ASN B 172 -16.06 9.85 -31.90
C ASN B 172 -15.43 10.51 -33.12
N ILE B 173 -14.15 10.85 -33.02
CA ILE B 173 -13.40 11.43 -34.12
C ILE B 173 -11.96 10.97 -34.02
N ASP B 174 -11.43 10.41 -35.10
CA ASP B 174 -10.00 10.11 -35.19
C ASP B 174 -9.21 11.40 -35.21
N SER B 175 -8.52 11.70 -34.11
CA SER B 175 -7.83 12.99 -34.01
C SER B 175 -6.74 13.33 -35.02
N LEU B 176 -6.61 12.48 -36.05
CA LEU B 176 -5.95 12.85 -37.29
C LEU B 176 -6.70 13.75 -38.26
N ASN B 177 -8.04 13.76 -38.20
CA ASN B 177 -8.80 14.85 -38.79
C ASN B 177 -8.46 16.21 -38.19
N ASN B 178 -7.74 16.23 -37.05
CA ASN B 178 -7.46 17.42 -36.28
C ASN B 178 -8.78 18.10 -35.94
N PRO B 179 -9.53 17.56 -34.97
CA PRO B 179 -10.91 18.03 -34.76
C PRO B 179 -10.99 19.46 -34.24
N GLN B 180 -10.54 19.67 -33.01
CA GLN B 180 -10.58 21.00 -32.40
C GLN B 180 -9.44 21.44 -31.49
N ASP B 181 -9.36 20.84 -30.31
CA ASP B 181 -8.32 21.16 -29.34
C ASP B 181 -8.06 22.65 -29.11
N ASP B 197 2.67 31.45 -20.13
CA ASP B 197 3.16 32.50 -19.25
C ASP B 197 3.55 33.78 -20.02
N PRO B 198 2.57 34.44 -20.67
CA PRO B 198 2.88 35.74 -21.29
C PRO B 198 2.26 36.87 -20.48
N PHE B 199 1.15 36.59 -19.79
CA PHE B 199 0.30 37.64 -19.26
C PHE B 199 -0.21 37.30 -17.86
N PHE B 200 -0.23 36.01 -17.53
CA PHE B 200 -0.51 35.61 -16.16
C PHE B 200 0.53 36.17 -15.20
N LEU B 201 1.72 36.49 -15.70
CA LEU B 201 2.74 37.18 -14.92
C LEU B 201 2.20 38.43 -14.25
N SER B 202 1.21 39.08 -14.87
CA SER B 202 0.66 40.31 -14.31
C SER B 202 -0.44 40.04 -13.29
N ILE B 203 -1.09 38.87 -13.38
CA ILE B 203 -2.15 38.47 -12.44
C ILE B 203 -1.72 38.76 -11.01
N THR B 204 -0.51 38.32 -10.65
CA THR B 204 -0.12 38.27 -9.25
C THR B 204 0.31 39.64 -8.74
N VAL B 205 0.99 40.43 -9.55
CA VAL B 205 1.34 41.77 -9.11
C VAL B 205 0.13 42.70 -9.18
N PHE B 206 -0.86 42.38 -10.00
CA PHE B 206 -2.09 43.16 -10.11
C PHE B 206 -3.32 42.31 -9.81
N PRO B 207 -3.36 41.58 -8.69
CA PRO B 207 -4.56 40.78 -8.42
C PRO B 207 -5.77 41.64 -8.15
N PHE B 208 -5.57 42.87 -7.72
CA PHE B 208 -6.60 43.88 -7.55
C PHE B 208 -7.21 44.34 -8.87
N LEU B 209 -6.70 43.87 -10.01
CA LEU B 209 -7.25 44.17 -11.31
C LEU B 209 -8.21 43.11 -11.82
N ILE B 210 -8.24 41.95 -11.18
CA ILE B 210 -9.13 40.84 -11.52
C ILE B 210 -10.59 41.28 -11.40
N PRO B 211 -11.00 42.02 -10.35
CA PRO B 211 -12.41 42.46 -10.30
C PRO B 211 -12.82 43.32 -11.48
N ILE B 212 -11.89 44.11 -12.05
CA ILE B 212 -12.20 44.91 -13.24
C ILE B 212 -12.46 44.00 -14.43
N LEU B 213 -11.44 43.23 -14.84
CA LEU B 213 -11.52 42.36 -16.01
C LEU B 213 -12.80 41.53 -16.05
N GLU B 214 -13.38 41.21 -14.90
CA GLU B 214 -14.57 40.38 -14.88
C GLU B 214 -15.76 41.12 -15.49
N VAL B 215 -15.97 42.37 -15.11
CA VAL B 215 -17.11 43.14 -15.61
C VAL B 215 -16.92 43.46 -17.09
N LEU B 216 -15.95 42.81 -17.73
CA LEU B 216 -15.64 43.00 -19.14
C LEU B 216 -15.78 41.73 -19.96
N ASN B 217 -16.28 40.63 -19.37
CA ASN B 217 -16.43 39.34 -20.02
C ASN B 217 -15.08 38.75 -20.39
N ILE B 218 -13.99 39.47 -20.15
CA ILE B 218 -12.68 39.07 -20.65
C ILE B 218 -12.25 37.76 -20.00
N CYS B 219 -11.69 36.86 -20.80
CA CYS B 219 -11.35 35.51 -20.38
C CYS B 219 -9.86 35.27 -20.56
N VAL B 220 -9.26 34.55 -19.60
CA VAL B 220 -7.95 33.97 -19.84
C VAL B 220 -8.03 32.88 -20.90
N PHE B 221 -9.17 32.21 -20.97
CA PHE B 221 -9.48 31.28 -22.07
C PHE B 221 -10.11 32.07 -23.20
N PRO B 222 -9.35 32.38 -24.27
CA PRO B 222 -9.87 33.24 -25.35
C PRO B 222 -11.34 33.02 -25.68
N ARG B 223 -12.13 34.10 -25.71
CA ARG B 223 -13.59 34.02 -25.69
C ARG B 223 -14.17 33.28 -26.89
N GLU B 224 -13.31 32.77 -27.77
CA GLU B 224 -13.74 32.01 -28.93
C GLU B 224 -13.45 30.52 -28.81
N VAL B 225 -12.52 30.12 -27.95
CA VAL B 225 -12.44 28.71 -27.55
C VAL B 225 -13.65 28.37 -26.68
N THR B 226 -14.23 29.36 -26.01
CA THR B 226 -15.41 29.16 -25.17
C THR B 226 -16.71 29.27 -25.95
N ASN B 227 -16.85 30.28 -26.81
CA ASN B 227 -18.03 30.35 -27.68
C ASN B 227 -18.10 29.14 -28.61
N PHE B 228 -16.94 28.61 -28.99
CA PHE B 228 -16.88 27.32 -29.70
C PHE B 228 -17.66 26.25 -28.94
N LEU B 229 -17.65 26.32 -27.61
CA LEU B 229 -18.33 25.34 -26.77
C LEU B 229 -19.46 25.92 -25.94
N ARG B 230 -19.67 27.24 -25.95
CA ARG B 230 -20.90 27.80 -25.39
C ARG B 230 -22.13 27.31 -26.15
N LYS B 231 -21.93 26.63 -27.28
CA LYS B 231 -23.00 25.97 -28.02
C LYS B 231 -22.74 24.50 -28.28
N SER B 232 -21.48 24.06 -28.31
CA SER B 232 -21.17 22.68 -28.66
C SER B 232 -21.64 21.68 -27.60
N VAL B 233 -21.93 22.15 -26.40
CA VAL B 233 -22.48 21.26 -25.37
C VAL B 233 -23.99 21.13 -25.52
N LYS B 234 -24.67 22.26 -25.73
CA LYS B 234 -26.11 22.26 -25.92
C LYS B 234 -26.49 21.57 -27.23
N ASP B 250 -23.06 7.89 -19.28
CA ASP B 250 -21.93 8.77 -19.53
C ASP B 250 -21.94 9.98 -18.61
N PHE B 251 -20.80 10.66 -18.52
CA PHE B 251 -20.72 11.87 -17.71
C PHE B 251 -21.73 12.91 -18.17
N LEU B 252 -21.94 13.04 -19.48
CA LEU B 252 -23.01 13.90 -19.98
C LEU B 252 -24.37 13.40 -19.49
N GLN B 253 -24.62 12.10 -19.65
CA GLN B 253 -25.87 11.51 -19.18
C GLN B 253 -26.06 11.74 -17.69
N LEU B 254 -25.08 11.33 -16.87
CA LEU B 254 -25.19 11.37 -15.42
C LEU B 254 -25.35 12.78 -14.88
N MET B 255 -25.31 13.79 -15.75
CA MET B 255 -25.49 15.19 -15.31
C MET B 255 -26.96 15.55 -15.28
N ILE B 256 -27.58 15.68 -16.45
CA ILE B 256 -28.98 16.08 -16.52
C ILE B 256 -29.87 15.04 -15.86
N ASP B 257 -29.36 13.84 -15.60
CA ASP B 257 -30.08 12.85 -14.82
C ASP B 257 -30.05 13.24 -13.35
N ALA B 269 -30.28 22.00 -7.26
CA ALA B 269 -29.92 21.05 -8.31
C ALA B 269 -29.10 21.72 -9.40
N LEU B 270 -28.61 20.90 -10.35
CA LEU B 270 -27.63 21.35 -11.33
C LEU B 270 -28.23 22.33 -12.33
N SER B 271 -27.38 23.23 -12.83
CA SER B 271 -27.76 24.20 -13.85
C SER B 271 -27.21 23.78 -15.22
N ASP B 272 -27.41 24.64 -16.23
CA ASP B 272 -27.03 24.35 -17.60
C ASP B 272 -25.80 25.13 -18.06
N LEU B 273 -25.69 26.42 -17.74
CA LEU B 273 -24.41 27.09 -17.91
C LEU B 273 -23.36 26.53 -16.97
N GLU B 274 -23.79 25.95 -15.84
CA GLU B 274 -22.92 25.19 -14.95
C GLU B 274 -22.67 23.78 -15.47
N LEU B 275 -23.41 23.33 -16.49
CA LEU B 275 -23.15 22.06 -17.14
C LEU B 275 -22.07 22.17 -18.20
N VAL B 276 -21.99 23.33 -18.88
CA VAL B 276 -20.98 23.52 -19.91
C VAL B 276 -19.58 23.47 -19.31
N ALA B 277 -19.38 24.15 -18.18
CA ALA B 277 -18.05 24.29 -17.61
C ALA B 277 -17.44 22.94 -17.25
N GLN B 278 -18.25 22.03 -16.68
CA GLN B 278 -17.69 20.77 -16.21
C GLN B 278 -17.16 19.92 -17.35
N SER B 279 -17.79 19.98 -18.52
CA SER B 279 -17.25 19.28 -19.68
C SER B 279 -15.87 19.80 -20.04
N ILE B 280 -15.66 21.11 -19.91
CA ILE B 280 -14.39 21.75 -20.29
C ILE B 280 -13.23 21.14 -19.52
N ILE B 281 -13.30 21.20 -18.18
CA ILE B 281 -12.20 20.73 -17.34
C ILE B 281 -11.87 19.28 -17.66
N PHE B 282 -12.90 18.44 -17.74
CA PHE B 282 -12.67 17.03 -18.05
C PHE B 282 -11.96 16.88 -19.38
N ILE B 283 -12.30 17.74 -20.35
CA ILE B 283 -11.70 17.63 -21.68
C ILE B 283 -10.23 17.99 -21.64
N PHE B 284 -9.87 19.05 -20.90
CA PHE B 284 -8.47 19.43 -20.76
C PHE B 284 -7.70 18.35 -20.00
N ALA B 285 -8.16 18.02 -18.79
CA ALA B 285 -7.43 17.07 -17.96
C ALA B 285 -7.32 15.71 -18.64
N GLY B 286 -8.43 15.22 -19.20
CA GLY B 286 -8.39 13.91 -19.83
C GLY B 286 -7.51 13.86 -21.07
N TYR B 287 -7.36 14.99 -21.76
CA TYR B 287 -6.45 15.06 -22.92
C TYR B 287 -5.03 15.38 -22.46
N GLU B 288 -4.82 16.60 -21.98
CA GLU B 288 -3.48 17.11 -21.74
C GLU B 288 -2.72 16.20 -20.76
N THR B 289 -3.28 16.01 -19.57
CA THR B 289 -2.62 15.23 -18.53
C THR B 289 -2.31 13.81 -19.01
N THR B 290 -3.22 13.21 -19.77
CA THR B 290 -3.04 11.83 -20.23
C THR B 290 -1.85 11.73 -21.19
N SER B 291 -1.93 12.43 -22.32
CA SER B 291 -0.85 12.39 -23.30
C SER B 291 0.48 12.80 -22.69
N SER B 292 0.48 13.89 -21.92
CA SER B 292 1.70 14.44 -21.36
C SER B 292 2.50 13.37 -20.60
N VAL B 293 1.82 12.63 -19.72
CA VAL B 293 2.51 11.62 -18.91
C VAL B 293 2.86 10.38 -19.72
N LEU B 294 2.00 9.99 -20.67
CA LEU B 294 2.32 8.87 -21.55
C LEU B 294 3.68 9.10 -22.21
N SER B 295 3.89 10.29 -22.76
CA SER B 295 5.18 10.64 -23.34
C SER B 295 6.26 10.76 -22.26
N PHE B 296 5.85 11.17 -21.04
CA PHE B 296 6.80 11.23 -19.94
C PHE B 296 7.31 9.84 -19.56
N ILE B 297 6.42 8.86 -19.50
CA ILE B 297 6.85 7.49 -19.26
C ILE B 297 7.58 6.94 -20.48
N MET B 298 7.08 7.27 -21.68
CA MET B 298 7.72 6.78 -22.90
C MET B 298 9.16 7.25 -23.00
N TYR B 299 9.48 8.43 -22.47
CA TYR B 299 10.87 8.86 -22.40
C TYR B 299 11.65 7.97 -21.43
N GLU B 300 11.09 7.70 -20.25
CA GLU B 300 11.80 6.91 -19.25
C GLU B 300 11.82 5.42 -19.58
N LEU B 301 11.10 4.99 -20.61
CA LEU B 301 11.16 3.60 -21.04
C LEU B 301 12.18 3.38 -22.15
N ALA B 302 12.33 4.34 -23.07
CA ALA B 302 13.33 4.20 -24.11
C ALA B 302 14.74 4.51 -23.60
N THR B 303 14.86 5.39 -22.61
CA THR B 303 16.14 5.71 -21.98
C THR B 303 16.46 4.79 -20.81
N HIS B 304 15.54 3.91 -20.44
CA HIS B 304 15.79 2.81 -19.49
C HIS B 304 15.19 1.55 -20.10
N PRO B 305 15.85 0.96 -21.11
CA PRO B 305 15.25 -0.18 -21.81
C PRO B 305 15.27 -1.48 -21.03
N ASP B 306 16.17 -1.65 -20.05
CA ASP B 306 16.07 -2.81 -19.17
C ASP B 306 14.78 -2.79 -18.38
N VAL B 307 14.14 -1.62 -18.27
CA VAL B 307 12.81 -1.50 -17.70
C VAL B 307 11.74 -1.60 -18.78
N GLN B 308 12.01 -1.07 -19.98
CA GLN B 308 11.06 -1.19 -21.07
C GLN B 308 10.82 -2.63 -21.49
N GLN B 309 11.87 -3.47 -21.39
CA GLN B 309 11.70 -4.88 -21.71
C GLN B 309 11.08 -5.64 -20.54
N LYS B 310 11.51 -5.33 -19.31
CA LYS B 310 10.95 -6.01 -18.14
C LYS B 310 9.46 -5.69 -17.96
N LEU B 311 9.03 -4.50 -18.41
CA LEU B 311 7.59 -4.24 -18.43
C LEU B 311 6.91 -4.93 -19.61
N GLN B 312 7.61 -5.09 -20.74
CA GLN B 312 7.10 -5.87 -21.86
C GLN B 312 7.08 -7.37 -21.55
N GLU B 313 7.75 -7.81 -20.49
CA GLU B 313 7.77 -9.22 -20.11
C GLU B 313 6.68 -9.59 -19.12
N GLU B 314 6.06 -8.59 -18.47
CA GLU B 314 4.86 -8.81 -17.68
C GLU B 314 3.59 -8.65 -18.52
N ILE B 315 3.65 -7.83 -19.57
CA ILE B 315 2.47 -7.58 -20.40
C ILE B 315 2.08 -8.81 -21.19
N ASP B 316 3.07 -9.59 -21.65
CA ASP B 316 2.82 -10.83 -22.37
C ASP B 316 2.66 -12.02 -21.43
N ALA B 317 2.54 -11.78 -20.13
CA ALA B 317 2.27 -12.82 -19.14
C ALA B 317 0.81 -12.84 -18.71
N VAL B 318 0.24 -11.68 -18.40
CA VAL B 318 -1.17 -11.59 -18.01
C VAL B 318 -2.08 -11.50 -19.23
N LEU B 319 -1.59 -11.02 -20.37
CA LEU B 319 -2.38 -10.89 -21.60
C LEU B 319 -1.67 -11.63 -22.72
N PRO B 320 -1.79 -12.97 -22.76
CA PRO B 320 -1.06 -13.74 -23.76
C PRO B 320 -1.70 -13.62 -25.14
N ASN B 321 -0.86 -13.82 -26.17
CA ASN B 321 -1.27 -13.73 -27.58
C ASN B 321 -1.77 -12.33 -27.94
N LYS B 322 -1.19 -11.31 -27.32
CA LYS B 322 -1.67 -9.94 -27.43
C LYS B 322 -3.15 -9.86 -27.04
N ALA B 323 -3.43 -10.34 -25.84
CA ALA B 323 -4.80 -10.36 -25.36
C ALA B 323 -5.24 -8.93 -25.03
N PRO B 324 -6.43 -8.51 -25.46
CA PRO B 324 -6.88 -7.17 -25.14
C PRO B 324 -7.02 -6.99 -23.64
N PRO B 325 -6.75 -5.78 -23.13
CA PRO B 325 -6.78 -5.57 -21.68
C PRO B 325 -8.19 -5.28 -21.18
N THR B 326 -8.57 -5.96 -20.09
CA THR B 326 -9.84 -5.74 -19.41
C THR B 326 -9.61 -5.00 -18.10
N TYR B 327 -10.72 -4.60 -17.48
CA TYR B 327 -10.67 -3.82 -16.25
C TYR B 327 -9.80 -4.48 -15.18
N ASP B 328 -9.78 -5.81 -15.15
CA ASP B 328 -9.17 -6.56 -14.05
C ASP B 328 -7.72 -6.96 -14.32
N THR B 329 -7.40 -7.38 -15.55
CA THR B 329 -6.02 -7.71 -15.88
C THR B 329 -5.09 -6.53 -15.62
N VAL B 330 -5.56 -5.31 -15.86
CA VAL B 330 -4.75 -4.11 -15.65
C VAL B 330 -4.34 -4.00 -14.19
N LEU B 331 -5.33 -3.96 -13.29
CA LEU B 331 -5.07 -3.82 -11.85
C LEU B 331 -4.10 -4.85 -11.33
N GLN B 332 -3.98 -5.99 -12.01
CA GLN B 332 -3.03 -7.02 -11.61
C GLN B 332 -1.59 -6.51 -11.72
N MET B 333 -1.28 -5.81 -12.81
CA MET B 333 0.10 -5.54 -13.20
C MET B 333 0.73 -4.51 -12.27
N GLU B 334 1.66 -4.95 -11.43
CA GLU B 334 2.25 -4.06 -10.42
C GLU B 334 3.37 -3.20 -10.99
N TYR B 335 4.19 -3.72 -11.91
CA TYR B 335 5.29 -2.95 -12.46
C TYR B 335 4.77 -1.77 -13.28
N LEU B 336 3.81 -2.04 -14.19
CA LEU B 336 3.09 -0.97 -14.87
C LEU B 336 2.58 0.09 -13.89
N ASP B 337 2.27 -0.33 -12.65
CA ASP B 337 1.97 0.61 -11.58
C ASP B 337 3.26 1.12 -10.94
N MET B 338 4.21 0.23 -10.66
CA MET B 338 5.47 0.63 -10.07
C MET B 338 6.24 1.60 -10.95
N VAL B 339 5.90 1.67 -12.24
CA VAL B 339 6.44 2.65 -13.17
C VAL B 339 5.60 3.92 -13.14
N VAL B 340 4.31 3.80 -13.49
CA VAL B 340 3.41 4.96 -13.53
C VAL B 340 3.54 5.77 -12.27
N ASN B 341 3.67 5.10 -11.12
CA ASN B 341 3.88 5.81 -9.86
C ASN B 341 5.30 6.38 -9.76
N GLU B 342 6.26 5.81 -10.50
CA GLU B 342 7.62 6.36 -10.43
C GLU B 342 7.79 7.56 -11.34
N THR B 343 7.25 7.50 -12.56
CA THR B 343 7.24 8.68 -13.41
C THR B 343 6.53 9.84 -12.72
N LEU B 344 5.32 9.60 -12.22
CA LEU B 344 4.60 10.64 -11.50
C LEU B 344 5.33 11.07 -10.23
N ARG B 345 6.20 10.20 -9.69
CA ARG B 345 7.09 10.65 -8.61
C ARG B 345 8.18 11.56 -9.14
N LEU B 346 8.52 11.44 -10.42
CA LEU B 346 9.54 12.29 -11.05
C LEU B 346 8.95 13.55 -11.70
N PHE B 347 7.84 13.39 -12.42
CA PHE B 347 7.20 14.48 -13.17
C PHE B 347 5.80 14.75 -12.63
N PRO B 348 5.67 15.23 -11.36
CA PRO B 348 4.34 15.52 -10.83
C PRO B 348 3.67 16.64 -11.60
N ILE B 349 2.64 16.31 -12.39
CA ILE B 349 2.16 17.25 -13.40
C ILE B 349 1.52 18.51 -12.82
N ALA B 350 1.28 18.55 -11.50
CA ALA B 350 0.78 19.76 -10.86
C ALA B 350 1.75 20.41 -9.89
N MET B 351 2.90 19.78 -9.60
CA MET B 351 4.09 20.45 -9.07
C MET B 351 3.79 20.87 -7.63
N ARG B 352 2.69 21.61 -7.42
CA ARG B 352 2.29 22.10 -6.10
C ARG B 352 0.79 21.89 -5.89
N LEU B 353 0.41 21.57 -4.65
CA LEU B 353 -0.96 21.63 -4.20
C LEU B 353 -1.12 22.89 -3.37
N GLU B 354 -2.33 23.46 -3.41
CA GLU B 354 -2.57 24.75 -2.76
C GLU B 354 -3.94 24.74 -2.11
N ARG B 355 -4.01 25.38 -0.93
CA ARG B 355 -5.26 25.61 -0.22
C ARG B 355 -5.21 26.97 0.43
N VAL B 356 -6.38 27.55 0.73
CA VAL B 356 -6.47 28.92 1.22
C VAL B 356 -7.01 28.91 2.64
N CYS B 357 -6.20 29.45 3.57
CA CYS B 357 -6.47 29.35 5.00
C CYS B 357 -7.50 30.40 5.38
N LYS B 358 -8.73 29.97 5.62
CA LYS B 358 -9.82 30.94 5.70
C LYS B 358 -10.09 31.46 7.11
N LYS B 359 -9.23 31.12 8.09
CA LYS B 359 -9.26 31.74 9.41
C LYS B 359 -7.99 31.41 10.18
N ASP B 360 -7.78 32.14 11.28
CA ASP B 360 -6.66 31.86 12.17
C ASP B 360 -6.69 30.41 12.60
N VAL B 361 -5.56 29.73 12.49
CA VAL B 361 -5.43 28.36 12.97
C VAL B 361 -4.03 28.14 13.52
N GLU B 362 -3.89 27.03 14.25
CA GLU B 362 -2.66 26.68 14.94
C GLU B 362 -2.41 25.19 14.74
N ILE B 363 -2.16 24.77 13.50
CA ILE B 363 -2.02 23.36 13.20
C ILE B 363 -0.60 22.90 13.52
N ASN B 364 -0.49 21.76 14.20
CA ASN B 364 0.78 21.09 14.50
C ASN B 364 1.82 22.06 15.05
N GLY B 365 1.37 23.01 15.87
CA GLY B 365 2.24 23.88 16.61
C GLY B 365 2.42 25.28 16.06
N MET B 366 1.90 25.56 14.87
CA MET B 366 2.19 26.79 14.15
C MET B 366 0.92 27.61 13.98
N PHE B 367 0.95 28.87 14.45
CA PHE B 367 -0.13 29.80 14.18
C PHE B 367 -0.13 30.18 12.71
N ILE B 368 -1.21 29.90 12.01
CA ILE B 368 -1.38 30.24 10.60
C ILE B 368 -2.48 31.29 10.49
N PRO B 369 -2.21 32.46 9.94
CA PRO B 369 -3.23 33.52 9.87
C PRO B 369 -4.18 33.29 8.71
N LYS B 370 -5.23 34.11 8.68
CA LYS B 370 -6.25 34.01 7.64
C LYS B 370 -5.73 34.60 6.33
N GLY B 371 -6.32 34.14 5.22
CA GLY B 371 -5.95 34.66 3.92
C GLY B 371 -4.65 34.16 3.35
N VAL B 372 -3.87 33.36 4.08
CA VAL B 372 -2.61 32.83 3.57
C VAL B 372 -2.88 31.62 2.68
N VAL B 373 -2.04 31.46 1.65
CA VAL B 373 -2.11 30.29 0.78
C VAL B 373 -1.08 29.28 1.29
N VAL B 374 -1.56 28.17 1.84
CA VAL B 374 -0.70 27.05 2.21
C VAL B 374 -0.43 26.22 0.96
N MET B 375 0.84 25.92 0.72
CA MET B 375 1.27 25.33 -0.54
C MET B 375 2.16 24.13 -0.25
N ILE B 376 1.71 22.95 -0.66
CA ILE B 376 2.50 21.73 -0.54
C ILE B 376 3.37 21.63 -1.79
N PRO B 377 4.70 21.75 -1.68
CA PRO B 377 5.59 21.78 -2.86
C PRO B 377 5.89 20.40 -3.42
N SER B 378 4.87 19.74 -3.98
CA SER B 378 4.99 18.39 -4.53
C SER B 378 6.34 18.11 -5.20
N TYR B 379 6.65 18.82 -6.28
CA TYR B 379 7.85 18.52 -7.05
C TYR B 379 9.09 18.44 -6.16
N ALA B 380 9.13 19.26 -5.11
CA ALA B 380 10.32 19.34 -4.28
C ALA B 380 10.42 18.15 -3.32
N LEU B 381 9.27 17.64 -2.88
CA LEU B 381 9.23 16.44 -2.03
C LEU B 381 9.46 15.17 -2.83
N HIS B 382 8.75 15.04 -3.95
CA HIS B 382 8.92 13.89 -4.84
C HIS B 382 10.41 13.64 -5.05
N ARG B 383 11.24 14.68 -5.06
CA ARG B 383 12.69 14.53 -5.25
C ARG B 383 13.57 14.97 -4.06
N ASP B 384 13.08 14.74 -2.81
CA ASP B 384 13.76 15.06 -1.55
C ASP B 384 14.73 13.94 -1.19
N PRO B 385 15.99 14.26 -0.91
CA PRO B 385 16.91 13.21 -0.45
C PRO B 385 16.47 12.57 0.85
N LYS B 386 16.04 13.36 1.84
CA LYS B 386 15.64 12.84 3.15
C LYS B 386 14.57 11.75 3.07
N TYR B 387 13.92 11.64 1.91
CA TYR B 387 12.87 10.64 1.74
C TYR B 387 13.01 9.75 0.50
N TRP B 388 13.98 10.05 -0.36
CA TRP B 388 14.20 9.26 -1.56
C TRP B 388 15.70 9.22 -1.86
N THR B 389 16.28 8.03 -1.79
CA THR B 389 17.68 7.85 -2.18
C THR B 389 17.82 7.97 -3.68
N GLU B 390 18.92 8.58 -4.12
CA GLU B 390 19.21 8.86 -5.52
C GLU B 390 17.95 9.36 -6.24
N PRO B 391 17.32 10.43 -5.75
CA PRO B 391 15.96 10.76 -6.22
C PRO B 391 15.89 11.19 -7.68
N GLU B 392 17.00 11.61 -8.29
CA GLU B 392 17.00 11.94 -9.71
C GLU B 392 16.89 10.70 -10.59
N LYS B 393 17.09 9.52 -10.04
CA LYS B 393 17.20 8.30 -10.81
C LYS B 393 15.84 7.62 -10.90
N PHE B 394 15.47 7.22 -12.12
CA PHE B 394 14.20 6.57 -12.40
C PHE B 394 14.33 5.08 -12.07
N LEU B 395 13.61 4.65 -11.04
CA LEU B 395 13.79 3.32 -10.44
C LEU B 395 12.44 2.80 -9.98
N PRO B 396 11.62 2.25 -10.89
CA PRO B 396 10.24 1.87 -10.52
C PRO B 396 10.13 0.95 -9.31
N GLU B 397 11.27 0.56 -8.72
CA GLU B 397 11.33 -0.30 -7.55
C GLU B 397 11.12 0.44 -6.24
N ARG B 398 10.88 1.75 -6.27
CA ARG B 398 10.43 2.42 -5.06
C ARG B 398 9.00 2.03 -4.71
N PHE B 399 8.21 1.66 -5.73
CA PHE B 399 6.79 1.36 -5.55
C PHE B 399 6.50 -0.13 -5.65
N SER B 400 7.55 -0.95 -5.62
CA SER B 400 7.41 -2.36 -5.30
C SER B 400 6.61 -2.53 -4.03
N LYS B 401 5.82 -3.61 -3.97
CA LYS B 401 5.14 -3.96 -2.73
C LYS B 401 6.12 -4.14 -1.58
N LYS B 402 7.35 -4.56 -1.90
CA LYS B 402 8.38 -4.74 -0.87
C LYS B 402 8.75 -3.41 -0.22
N ASN B 403 8.85 -2.33 -1.01
CA ASN B 403 9.33 -1.05 -0.51
C ASN B 403 8.24 0.02 -0.36
N LYS B 404 7.06 -0.17 -0.96
CA LYS B 404 6.00 0.85 -0.89
C LYS B 404 5.39 0.91 0.50
N ASP B 405 6.11 0.39 1.51
CA ASP B 405 5.73 0.55 2.90
C ASP B 405 6.43 1.75 3.52
N ASN B 406 7.69 1.97 3.15
CA ASN B 406 8.53 3.04 3.65
C ASN B 406 8.26 4.32 2.88
N ILE B 407 7.04 4.47 2.38
CA ILE B 407 6.66 5.49 1.42
C ILE B 407 5.45 6.23 1.99
N ASP B 408 5.65 7.52 2.33
CA ASP B 408 4.65 8.30 3.04
C ASP B 408 3.71 8.98 2.03
N PRO B 409 2.41 8.73 2.08
CA PRO B 409 1.50 9.29 1.07
C PRO B 409 1.12 10.75 1.28
N TYR B 410 1.77 11.43 2.22
CA TYR B 410 1.70 12.88 2.34
C TYR B 410 3.02 13.52 1.89
N ILE B 411 3.88 12.73 1.27
CA ILE B 411 5.01 13.22 0.50
C ILE B 411 4.82 12.97 -0.99
N TYR B 412 4.51 11.72 -1.36
CA TYR B 412 4.15 11.38 -2.73
C TYR B 412 2.64 11.53 -2.85
N THR B 413 2.20 12.69 -3.34
CA THR B 413 0.76 12.98 -3.50
C THR B 413 0.48 13.50 -4.91
N PRO B 414 0.97 12.81 -5.95
CA PRO B 414 0.88 13.39 -7.30
C PRO B 414 -0.55 13.56 -7.79
N PHE B 415 -1.53 13.05 -7.06
CA PHE B 415 -2.94 13.34 -7.30
C PHE B 415 -3.55 14.07 -6.11
N GLY B 416 -2.71 14.64 -5.24
CA GLY B 416 -3.19 15.26 -4.03
C GLY B 416 -3.56 14.29 -2.94
N SER B 417 -4.68 14.58 -2.26
CA SER B 417 -5.19 13.85 -1.11
C SER B 417 -6.46 14.55 -0.64
N GLY B 418 -7.10 13.97 0.36
CA GLY B 418 -8.21 14.60 1.04
C GLY B 418 -9.46 14.73 0.20
N PRO B 419 -10.49 15.35 0.77
CA PRO B 419 -11.79 15.45 0.08
C PRO B 419 -11.75 16.24 -1.20
N ARG B 420 -10.61 16.86 -1.54
CA ARG B 420 -10.48 17.66 -2.76
C ARG B 420 -9.36 17.12 -3.65
N ASN B 421 -9.10 15.83 -3.60
CA ASN B 421 -8.02 15.25 -4.38
C ASN B 421 -8.46 15.11 -5.84
N CYS B 422 -7.57 14.62 -6.69
CA CYS B 422 -7.91 14.38 -8.09
C CYS B 422 -9.14 13.50 -8.22
N ILE B 423 -10.27 14.07 -8.68
CA ILE B 423 -11.48 13.27 -8.85
C ILE B 423 -11.35 12.28 -10.01
N GLY B 424 -10.44 12.52 -10.95
CA GLY B 424 -10.23 11.60 -12.04
C GLY B 424 -9.06 10.64 -11.86
N MET B 425 -8.42 10.65 -10.68
CA MET B 425 -7.25 9.79 -10.44
C MET B 425 -7.45 8.36 -10.90
N ARG B 426 -8.56 7.74 -10.52
CA ARG B 426 -8.84 6.37 -10.94
C ARG B 426 -8.99 6.30 -12.46
N PHE B 427 -9.90 7.11 -13.02
CA PHE B 427 -10.05 7.22 -14.47
C PHE B 427 -8.71 7.53 -15.13
N ALA B 428 -7.90 8.37 -14.50
CA ALA B 428 -6.59 8.68 -15.04
C ALA B 428 -5.70 7.45 -15.06
N LEU B 429 -5.51 6.82 -13.90
CA LEU B 429 -4.65 5.64 -13.79
C LEU B 429 -5.18 4.45 -14.56
N MET B 430 -6.46 4.47 -14.96
CA MET B 430 -6.99 3.48 -15.89
C MET B 430 -6.77 3.88 -17.35
N ASN B 431 -6.99 5.15 -17.69
CA ASN B 431 -6.86 5.58 -19.07
C ASN B 431 -5.42 5.48 -19.55
N MET B 432 -4.44 5.70 -18.66
CA MET B 432 -3.04 5.67 -19.06
C MET B 432 -2.58 4.24 -19.32
N LYS B 433 -2.72 3.37 -18.32
CA LYS B 433 -2.25 1.99 -18.46
C LYS B 433 -3.00 1.22 -19.54
N LEU B 434 -4.24 1.62 -19.87
CA LEU B 434 -4.95 0.99 -20.98
C LEU B 434 -4.30 1.34 -22.32
N ALA B 435 -3.62 2.47 -22.40
CA ALA B 435 -2.82 2.78 -23.57
C ALA B 435 -1.37 2.34 -23.41
N LEU B 436 -0.86 2.31 -22.17
CA LEU B 436 0.51 1.83 -21.94
C LEU B 436 0.64 0.34 -22.27
N ILE B 437 -0.43 -0.44 -22.08
CA ILE B 437 -0.38 -1.85 -22.44
C ILE B 437 -0.48 -2.02 -23.95
N ARG B 438 -1.48 -1.40 -24.57
CA ARG B 438 -1.77 -1.60 -25.98
C ARG B 438 -0.65 -1.07 -26.86
N VAL B 439 0.39 -0.47 -26.26
CA VAL B 439 1.53 0.04 -27.00
C VAL B 439 2.80 -0.74 -26.68
N LEU B 440 3.00 -1.15 -25.43
CA LEU B 440 4.15 -1.99 -25.10
C LEU B 440 3.93 -3.46 -25.43
N GLN B 441 2.84 -3.78 -26.14
CA GLN B 441 2.67 -5.10 -26.75
C GLN B 441 3.14 -5.11 -28.20
N ASN B 442 3.11 -3.96 -28.87
CA ASN B 442 3.35 -3.88 -30.31
C ASN B 442 4.64 -3.19 -30.70
N PHE B 443 5.21 -2.35 -29.83
CA PHE B 443 6.37 -1.55 -30.20
C PHE B 443 7.34 -1.44 -29.03
N SER B 444 8.63 -1.44 -29.33
CA SER B 444 9.69 -1.14 -28.37
C SER B 444 10.39 0.15 -28.79
N PHE B 445 10.77 0.96 -27.81
CA PHE B 445 11.17 2.33 -28.05
C PHE B 445 12.64 2.51 -27.73
N LYS B 446 13.36 3.17 -28.63
CA LYS B 446 14.79 3.41 -28.56
C LYS B 446 15.05 4.90 -28.71
N PRO B 447 16.18 5.40 -28.21
CA PRO B 447 16.51 6.80 -28.42
C PRO B 447 16.62 7.14 -29.89
N CYS B 448 16.43 8.42 -30.19
CA CYS B 448 16.60 8.97 -31.52
C CYS B 448 17.89 9.78 -31.57
N LYS B 449 18.04 10.54 -32.65
CA LYS B 449 19.13 11.51 -32.74
C LYS B 449 18.72 12.87 -32.20
N GLU B 450 17.42 13.19 -32.25
CA GLU B 450 16.90 14.46 -31.75
C GLU B 450 16.16 14.31 -30.43
N THR B 451 16.26 13.15 -29.78
CA THR B 451 15.55 12.91 -28.53
C THR B 451 16.26 13.61 -27.38
N GLN B 452 15.49 14.39 -26.60
CA GLN B 452 16.04 15.23 -25.55
C GLN B 452 16.48 14.36 -24.37
N ILE B 453 17.78 14.06 -24.31
CA ILE B 453 18.36 13.25 -23.25
C ILE B 453 19.54 14.00 -22.64
N PRO B 454 19.53 14.31 -21.33
CA PRO B 454 18.40 14.16 -20.40
C PRO B 454 17.27 15.14 -20.71
N LEU B 455 16.08 14.90 -20.17
CA LEU B 455 14.91 15.68 -20.52
C LEU B 455 14.93 17.00 -19.76
N LYS B 456 14.94 18.11 -20.51
CA LYS B 456 14.87 19.44 -19.93
C LYS B 456 13.43 19.79 -19.63
N LEU B 457 13.13 20.00 -18.36
CA LEU B 457 11.80 20.47 -17.98
C LEU B 457 11.63 21.92 -18.39
N SER B 458 10.38 22.28 -18.69
CA SER B 458 10.05 23.64 -19.07
C SER B 458 10.29 24.57 -17.89
N LEU B 459 11.27 25.46 -18.03
CA LEU B 459 11.59 26.40 -16.97
C LEU B 459 10.69 27.62 -17.02
N GLY B 460 9.51 27.47 -17.63
CA GLY B 460 8.55 28.55 -17.74
C GLY B 460 7.47 28.48 -16.68
N GLY B 461 6.41 27.73 -16.99
CA GLY B 461 5.30 27.58 -16.07
C GLY B 461 4.86 26.14 -15.91
N LEU B 462 4.02 25.67 -16.83
CA LEU B 462 3.54 24.30 -16.79
C LEU B 462 4.68 23.31 -16.77
N LEU B 463 4.38 22.05 -16.45
CA LEU B 463 5.39 21.00 -16.40
C LEU B 463 5.33 20.19 -17.68
N GLN B 464 6.23 20.52 -18.60
CA GLN B 464 6.40 19.82 -19.87
C GLN B 464 7.88 19.88 -20.22
N PRO B 465 8.32 19.18 -21.27
CA PRO B 465 9.70 19.33 -21.70
C PRO B 465 9.89 20.54 -22.61
N GLU B 466 11.14 21.01 -22.65
CA GLU B 466 11.52 22.09 -23.57
C GLU B 466 11.37 21.79 -25.06
N LYS B 467 12.08 20.78 -25.55
CA LYS B 467 11.81 20.25 -26.87
C LYS B 467 10.85 19.09 -26.62
N PRO B 468 9.86 18.88 -27.49
CA PRO B 468 8.96 17.73 -27.32
C PRO B 468 9.73 16.43 -27.34
N VAL B 469 9.21 15.43 -26.62
CA VAL B 469 9.88 14.13 -26.55
C VAL B 469 9.66 13.40 -27.86
N VAL B 470 10.75 13.16 -28.59
CA VAL B 470 10.71 12.36 -29.80
C VAL B 470 11.46 11.06 -29.55
N LEU B 471 11.04 9.99 -30.24
CA LEU B 471 11.60 8.67 -30.05
C LEU B 471 11.45 7.86 -31.31
N LYS B 472 12.43 7.01 -31.60
CA LYS B 472 12.29 6.07 -32.71
C LYS B 472 11.47 4.88 -32.28
N VAL B 473 10.48 4.53 -33.09
CA VAL B 473 9.55 3.45 -32.79
C VAL B 473 9.85 2.28 -33.71
N GLU B 474 9.94 1.09 -33.13
CA GLU B 474 10.25 -0.14 -33.84
C GLU B 474 9.19 -1.19 -33.54
N SER B 475 8.71 -1.86 -34.57
CA SER B 475 7.60 -2.80 -34.43
C SER B 475 8.09 -4.21 -34.09
CHA HEM C . -1.23 -15.04 6.83
CHB HEM C . 2.59 -14.87 9.83
CHC HEM C . 0.11 -11.69 12.47
CHD HEM C . -3.71 -11.83 9.52
C1A HEM C . 0.00 -15.25 7.41
C2A HEM C . 1.06 -16.12 6.89
C3A HEM C . 2.11 -16.05 7.71
C4A HEM C . 1.75 -15.17 8.79
CMA HEM C . 3.48 -16.77 7.60
CAA HEM C . 1.01 -16.94 5.57
CBA HEM C . 1.79 -16.13 4.53
CGA HEM C . 1.81 -16.98 3.30
O1A HEM C . 2.74 -16.83 2.47
O2A HEM C . 0.89 -17.85 3.15
C1B HEM C . 2.27 -13.99 10.81
C2B HEM C . 3.10 -13.56 11.93
C3B HEM C . 2.38 -12.69 12.65
C4B HEM C . 1.09 -12.54 12.00
CMB HEM C . 4.55 -14.06 12.19
CAB HEM C . 2.73 -11.89 13.93
CBB HEM C . 3.94 -11.93 14.52
C1C HEM C . -1.11 -11.41 11.90
C2C HEM C . -2.03 -10.40 12.38
C3C HEM C . -3.11 -10.42 11.58
C4C HEM C . -2.89 -11.45 10.56
CMC HEM C . -1.83 -9.48 13.61
CAC HEM C . -4.33 -9.47 11.76
CBC HEM C . -5.47 -9.81 11.16
C1D HEM C . -3.35 -12.73 8.53
C2D HEM C . -4.18 -13.11 7.41
C3D HEM C . -3.51 -14.00 6.67
C4D HEM C . -2.21 -14.23 7.29
CMD HEM C . -5.60 -12.54 7.15
CAD HEM C . -4.04 -14.65 5.38
CBD HEM C . -3.12 -14.33 4.23
CGD HEM C . -3.98 -14.53 3.01
O1D HEM C . -4.38 -13.47 2.45
O2D HEM C . -4.27 -15.70 2.65
NA HEM C . 0.47 -14.71 8.59
NB HEM C . 1.05 -13.36 10.89
NC HEM C . -1.67 -12.03 10.79
ND HEM C . -2.15 -13.44 8.42
FE HEM C . -0.58 -13.41 9.60
C12 QDP D . -7.36 -20.17 9.67
C20 QDP D . -7.17 -21.05 14.58
C01 QDP D . -2.90 -25.73 8.27
C02 QDP D . -3.59 -26.35 7.05
C03 QDP D . -2.57 -27.03 6.14
C04 QDP D . -4.58 -27.44 7.49
C06 QDP D . -3.67 -24.11 5.93
C09 QDP D . -4.84 -22.65 7.72
C10 QDP D . -5.80 -21.55 7.14
C13 QDP D . -6.97 -21.08 10.80
C14 QDP D . -7.45 -20.87 12.15
C15 QDP D . -6.66 -21.25 13.27
C16 QDP D . -5.36 -21.85 13.19
C17 QDP D . -4.65 -22.20 14.29
C18 QDP D . -5.17 -22.00 15.60
C19 QDP D . -6.40 -21.45 15.73
C21 QDP D . -8.46 -20.45 14.74
C22 QDP D . -9.19 -20.08 13.65
C23 QDP D . -8.68 -20.30 12.35
C24 QDP D . -6.48 -18.92 9.56
C27 QDP D . -5.25 -16.93 10.50
C28 QDP D . -4.54 -16.40 11.76
C29 QDP D . -3.06 -16.29 11.70
C30 QDP D . -2.23 -17.33 12.11
C31 QDP D . -0.84 -17.23 12.05
C32 QDP D . -0.30 -16.07 11.55
C34 QDP D . -2.41 -15.16 11.20
C35 QDP D . -4.26 -22.40 9.22
C36 QDP D . -2.91 -21.71 9.50
C37 QDP D . -2.53 -20.40 8.95
C38 QDP D . -3.34 -19.61 8.10
C39 QDP D . -2.95 -18.40 7.62
C40 QDP D . -1.69 -17.88 7.95
C41 QDP D . -0.87 -18.59 8.76
C42 QDP D . -1.26 -19.85 9.28
C43 QDP D . -0.37 -20.57 10.12
C44 QDP D . -0.74 -21.77 10.63
C45 QDP D . -2.01 -22.34 10.31
N08 QDP D . -3.76 -22.96 6.76
N26 QDP D . -6.12 -18.12 10.66
N33 QDP D . -1.09 -15.05 11.13
O05 QDP D . -4.32 -25.29 6.39
O07 QDP D . -3.08 -24.15 4.85
O25 QDP D . -6.03 -18.61 8.47
S11 QDP D . -7.40 -21.28 8.11
CHA HEM E . -7.39 17.88 -9.14
CHB HEM E . -3.45 15.42 -10.54
CHC HEM E . -5.90 13.51 -14.24
CHD HEM E . -9.80 16.10 -12.99
C1A HEM E . -6.11 17.40 -9.20
C2A HEM E . -5.02 17.73 -8.31
C3A HEM E . -3.93 17.05 -8.70
C4A HEM E . -4.30 16.26 -9.86
CMA HEM E . -2.52 17.09 -8.07
CAA HEM E . -5.10 18.72 -7.12
CBA HEM E . -5.40 17.97 -5.81
CGA HEM E . -5.15 18.90 -4.65
O1A HEM E . -5.62 18.64 -3.52
O2A HEM E . -4.47 19.95 -4.85
C1B HEM E . -3.77 14.70 -11.68
C2B HEM E . -2.84 13.86 -12.41
C3B HEM E . -3.51 13.34 -13.44
C4B HEM E . -4.88 13.83 -13.37
CMB HEM E . -1.36 13.66 -12.01
CAB HEM E . -3.01 12.35 -14.54
CBB HEM E . -1.83 11.71 -14.49
C1C HEM E . -7.17 14.02 -14.22
C2C HEM E . -8.25 13.65 -15.11
C3C HEM E . -9.34 14.35 -14.79
C4C HEM E . -8.98 15.20 -13.66
CMC HEM E . -8.14 12.61 -16.25
CAC HEM E . -10.69 14.23 -15.54
CBC HEM E . -11.76 15.00 -15.26
C1D HEM E . -9.51 16.76 -11.83
C2D HEM E . -10.43 17.54 -11.03
C3D HEM E . -9.75 18.03 -9.97
C4D HEM E . -8.38 17.58 -10.05
CMD HEM E . -11.92 17.77 -11.35
CAD HEM E . -10.27 18.93 -8.83
CBD HEM E . -11.24 18.22 -7.90
CGD HEM E . -11.79 19.25 -6.94
O1D HEM E . -12.82 18.93 -6.28
O2D HEM E . -11.22 20.36 -6.83
NA HEM E . -5.63 16.49 -10.13
NB HEM E . -5.01 14.66 -12.28
NC HEM E . -7.66 14.98 -13.34
ND HEM E . -8.27 16.80 -11.19
FE HEM E . -6.70 15.86 -11.75
#